data_1CBH
# 
_entry.id   1CBH 
# 
_audit_conform.dict_name       mmcif_pdbx.dic 
_audit_conform.dict_version    5.398 
_audit_conform.dict_location   http://mmcif.pdb.org/dictionaries/ascii/mmcif_pdbx.dic 
# 
loop_
_database_2.database_id 
_database_2.database_code 
_database_2.pdbx_database_accession 
_database_2.pdbx_DOI 
PDB   1CBH         pdb_00001cbh 10.2210/pdb1cbh/pdb 
WWPDB D_1000172207 ?            ?                   
# 
loop_
_pdbx_audit_revision_history.ordinal 
_pdbx_audit_revision_history.data_content_type 
_pdbx_audit_revision_history.major_revision 
_pdbx_audit_revision_history.minor_revision 
_pdbx_audit_revision_history.revision_date 
1 'Structure model' 1 0 1990-01-15 
2 'Structure model' 1 1 2008-03-24 
3 'Structure model' 1 2 2011-07-13 
4 'Structure model' 1 3 2017-11-29 
5 'Structure model' 1 4 2024-11-06 
# 
_pdbx_audit_revision_details.ordinal             1 
_pdbx_audit_revision_details.revision_ordinal    1 
_pdbx_audit_revision_details.data_content_type   'Structure model' 
_pdbx_audit_revision_details.provider            repository 
_pdbx_audit_revision_details.type                'Initial release' 
_pdbx_audit_revision_details.description         ? 
_pdbx_audit_revision_details.details             ? 
# 
loop_
_pdbx_audit_revision_group.ordinal 
_pdbx_audit_revision_group.revision_ordinal 
_pdbx_audit_revision_group.data_content_type 
_pdbx_audit_revision_group.group 
1 2 'Structure model' 'Version format compliance' 
2 3 'Structure model' 'Version format compliance' 
3 4 'Structure model' 'Derived calculations'      
4 4 'Structure model' Other                       
5 5 'Structure model' 'Data collection'           
6 5 'Structure model' 'Database references'       
7 5 'Structure model' 'Structure summary'         
# 
loop_
_pdbx_audit_revision_category.ordinal 
_pdbx_audit_revision_category.revision_ordinal 
_pdbx_audit_revision_category.data_content_type 
_pdbx_audit_revision_category.category 
1 4 'Structure model' pdbx_database_status      
2 4 'Structure model' pdbx_struct_assembly      
3 4 'Structure model' pdbx_struct_oper_list     
4 4 'Structure model' struct_conf               
5 5 'Structure model' chem_comp_atom            
6 5 'Structure model' chem_comp_bond            
7 5 'Structure model' database_2                
8 5 'Structure model' pdbx_entry_details        
9 5 'Structure model' pdbx_modification_feature 
# 
loop_
_pdbx_audit_revision_item.ordinal 
_pdbx_audit_revision_item.revision_ordinal 
_pdbx_audit_revision_item.data_content_type 
_pdbx_audit_revision_item.item 
1 4 'Structure model' '_pdbx_database_status.process_site'  
2 5 'Structure model' '_database_2.pdbx_DOI'                
3 5 'Structure model' '_database_2.pdbx_database_accession' 
# 
_pdbx_database_status.status_code                     REL 
_pdbx_database_status.entry_id                        1CBH 
_pdbx_database_status.recvd_initial_deposition_date   1989-05-30 
_pdbx_database_status.deposit_site                    ? 
_pdbx_database_status.process_site                    BNL 
_pdbx_database_status.SG_entry                        . 
_pdbx_database_status.pdb_format_compatible           Y 
_pdbx_database_status.status_code_mr                  ? 
_pdbx_database_status.status_code_sf                  ? 
_pdbx_database_status.status_code_cs                  ? 
_pdbx_database_status.methods_development_category    ? 
_pdbx_database_status.status_code_nmr_data            ? 
# 
_pdbx_database_related.db_name        PDB 
_pdbx_database_related.db_id          2CBH 
_pdbx_database_related.details        . 
_pdbx_database_related.content_type   ensemble 
# 
loop_
_audit_author.name 
_audit_author.pdbx_ordinal 
'Clore, G.M.'      1 
'Gronenborn, A.M.' 2 
# 
_citation.id                        primary 
_citation.title                     
;Determination of the three-dimensional solution structure of the C-terminal domain of cellobiohydrolase I from Trichoderma reesei. A study using nuclear magnetic resonance and hybrid distance geometry-dynamical simulated annealing.
;
_citation.journal_abbrev            Biochemistry 
_citation.journal_volume            28 
_citation.page_first                7241 
_citation.page_last                 7257 
_citation.year                      1989 
_citation.journal_id_ASTM           BICHAW 
_citation.country                   US 
_citation.journal_id_ISSN           0006-2960 
_citation.journal_id_CSD            0033 
_citation.book_publisher            ? 
_citation.pdbx_database_id_PubMed   2554967 
_citation.pdbx_database_id_DOI      10.1021/bi00444a016 
# 
loop_
_citation_author.citation_id 
_citation_author.name 
_citation_author.ordinal 
_citation_author.identifier_ORCID 
primary 'Kraulis, J.'      1 ? 
primary 'Clore, G.M.'      2 ? 
primary 'Nilges, M.'       3 ? 
primary 'Jones, T.A.'      4 ? 
primary 'Pettersson, G.'   5 ? 
primary 'Knowles, J.'      6 ? 
primary 'Gronenborn, A.M.' 7 ? 
# 
_entity.id                         1 
_entity.type                       polymer 
_entity.src_method                 man 
_entity.pdbx_description           'C-TERMINAL DOMAIN OF CELLOBIOHYDROLASE I' 
_entity.formula_weight             3746.126 
_entity.pdbx_number_of_molecules   1 
_entity.pdbx_ec                    3.2.1.91 
_entity.pdbx_mutation              ? 
_entity.pdbx_fragment              ? 
_entity.details                    ? 
# 
_entity_poly.entity_id                      1 
_entity_poly.type                           'polypeptide(L)' 
_entity_poly.nstd_linkage                   no 
_entity_poly.nstd_monomer                   no 
_entity_poly.pdbx_seq_one_letter_code       TQSHYGQCGGIGYSGPTVCASGTTCQVLNPYYSQCL 
_entity_poly.pdbx_seq_one_letter_code_can   TQSHYGQCGGIGYSGPTVCASGTTCQVLNPYYSQCL 
_entity_poly.pdbx_strand_id                 A 
_entity_poly.pdbx_target_identifier         ? 
# 
loop_
_entity_poly_seq.entity_id 
_entity_poly_seq.num 
_entity_poly_seq.mon_id 
_entity_poly_seq.hetero 
1 1  THR n 
1 2  GLN n 
1 3  SER n 
1 4  HIS n 
1 5  TYR n 
1 6  GLY n 
1 7  GLN n 
1 8  CYS n 
1 9  GLY n 
1 10 GLY n 
1 11 ILE n 
1 12 GLY n 
1 13 TYR n 
1 14 SER n 
1 15 GLY n 
1 16 PRO n 
1 17 THR n 
1 18 VAL n 
1 19 CYS n 
1 20 ALA n 
1 21 SER n 
1 22 GLY n 
1 23 THR n 
1 24 THR n 
1 25 CYS n 
1 26 GLN n 
1 27 VAL n 
1 28 LEU n 
1 29 ASN n 
1 30 PRO n 
1 31 TYR n 
1 32 TYR n 
1 33 SER n 
1 34 GLN n 
1 35 CYS n 
1 36 LEU n 
# 
_entity_src_gen.entity_id                          1 
_entity_src_gen.pdbx_src_id                        1 
_entity_src_gen.pdbx_alt_source_flag               sample 
_entity_src_gen.pdbx_seq_type                      ? 
_entity_src_gen.pdbx_beg_seq_num                   ? 
_entity_src_gen.pdbx_end_seq_num                   ? 
_entity_src_gen.gene_src_common_name               ? 
_entity_src_gen.gene_src_genus                     Hypocrea 
_entity_src_gen.pdbx_gene_src_gene                 ? 
_entity_src_gen.gene_src_species                   ? 
_entity_src_gen.gene_src_strain                    ? 
_entity_src_gen.gene_src_tissue                    ? 
_entity_src_gen.gene_src_tissue_fraction           ? 
_entity_src_gen.gene_src_details                   ? 
_entity_src_gen.pdbx_gene_src_fragment             ? 
_entity_src_gen.pdbx_gene_src_scientific_name      'Hypocrea jecorina' 
_entity_src_gen.pdbx_gene_src_ncbi_taxonomy_id     51453 
_entity_src_gen.pdbx_gene_src_variant              ? 
_entity_src_gen.pdbx_gene_src_cell_line            ? 
_entity_src_gen.pdbx_gene_src_atcc                 ? 
_entity_src_gen.pdbx_gene_src_organ                ? 
_entity_src_gen.pdbx_gene_src_organelle            ? 
_entity_src_gen.pdbx_gene_src_cell                 ? 
_entity_src_gen.pdbx_gene_src_cellular_location    ? 
_entity_src_gen.host_org_common_name               ? 
_entity_src_gen.pdbx_host_org_scientific_name      ? 
_entity_src_gen.pdbx_host_org_ncbi_taxonomy_id     ? 
_entity_src_gen.host_org_genus                     ? 
_entity_src_gen.pdbx_host_org_gene                 ? 
_entity_src_gen.pdbx_host_org_organ                ? 
_entity_src_gen.host_org_species                   ? 
_entity_src_gen.pdbx_host_org_tissue               ? 
_entity_src_gen.pdbx_host_org_tissue_fraction      ? 
_entity_src_gen.pdbx_host_org_strain               ? 
_entity_src_gen.pdbx_host_org_variant              ? 
_entity_src_gen.pdbx_host_org_cell_line            ? 
_entity_src_gen.pdbx_host_org_atcc                 ? 
_entity_src_gen.pdbx_host_org_culture_collection   ? 
_entity_src_gen.pdbx_host_org_cell                 ? 
_entity_src_gen.pdbx_host_org_organelle            ? 
_entity_src_gen.pdbx_host_org_cellular_location    ? 
_entity_src_gen.pdbx_host_org_vector_type          ? 
_entity_src_gen.pdbx_host_org_vector               ? 
_entity_src_gen.host_org_details                   ? 
_entity_src_gen.expression_system_id               ? 
_entity_src_gen.plasmid_name                       ? 
_entity_src_gen.plasmid_details                    ? 
_entity_src_gen.pdbx_description                   ? 
# 
loop_
_chem_comp.id 
_chem_comp.type 
_chem_comp.mon_nstd_flag 
_chem_comp.name 
_chem_comp.pdbx_synonyms 
_chem_comp.formula 
_chem_comp.formula_weight 
ALA 'L-peptide linking' y ALANINE    ? 'C3 H7 N O2'     89.093  
ASN 'L-peptide linking' y ASPARAGINE ? 'C4 H8 N2 O3'    132.118 
CYS 'L-peptide linking' y CYSTEINE   ? 'C3 H7 N O2 S'   121.158 
GLN 'L-peptide linking' y GLUTAMINE  ? 'C5 H10 N2 O3'   146.144 
GLY 'peptide linking'   y GLYCINE    ? 'C2 H5 N O2'     75.067  
HIS 'L-peptide linking' y HISTIDINE  ? 'C6 H10 N3 O2 1' 156.162 
ILE 'L-peptide linking' y ISOLEUCINE ? 'C6 H13 N O2'    131.173 
LEU 'L-peptide linking' y LEUCINE    ? 'C6 H13 N O2'    131.173 
PRO 'L-peptide linking' y PROLINE    ? 'C5 H9 N O2'     115.130 
SER 'L-peptide linking' y SERINE     ? 'C3 H7 N O3'     105.093 
THR 'L-peptide linking' y THREONINE  ? 'C4 H9 N O3'     119.119 
TYR 'L-peptide linking' y TYROSINE   ? 'C9 H11 N O3'    181.189 
VAL 'L-peptide linking' y VALINE     ? 'C5 H11 N O2'    117.146 
# 
loop_
_pdbx_poly_seq_scheme.asym_id 
_pdbx_poly_seq_scheme.entity_id 
_pdbx_poly_seq_scheme.seq_id 
_pdbx_poly_seq_scheme.mon_id 
_pdbx_poly_seq_scheme.ndb_seq_num 
_pdbx_poly_seq_scheme.pdb_seq_num 
_pdbx_poly_seq_scheme.auth_seq_num 
_pdbx_poly_seq_scheme.pdb_mon_id 
_pdbx_poly_seq_scheme.auth_mon_id 
_pdbx_poly_seq_scheme.pdb_strand_id 
_pdbx_poly_seq_scheme.pdb_ins_code 
_pdbx_poly_seq_scheme.hetero 
A 1 1  THR 1  1  1  THR THR A . n 
A 1 2  GLN 2  2  2  GLN GLN A . n 
A 1 3  SER 3  3  3  SER SER A . n 
A 1 4  HIS 4  4  4  HIS HIS A . n 
A 1 5  TYR 5  5  5  TYR TYR A . n 
A 1 6  GLY 6  6  6  GLY GLY A . n 
A 1 7  GLN 7  7  7  GLN GLN A . n 
A 1 8  CYS 8  8  8  CYS CYS A . n 
A 1 9  GLY 9  9  9  GLY GLY A . n 
A 1 10 GLY 10 10 10 GLY GLY A . n 
A 1 11 ILE 11 11 11 ILE ILE A . n 
A 1 12 GLY 12 12 12 GLY GLY A . n 
A 1 13 TYR 13 13 13 TYR TYR A . n 
A 1 14 SER 14 14 14 SER SER A . n 
A 1 15 GLY 15 15 15 GLY GLY A . n 
A 1 16 PRO 16 16 16 PRO PRO A . n 
A 1 17 THR 17 17 17 THR THR A . n 
A 1 18 VAL 18 18 18 VAL VAL A . n 
A 1 19 CYS 19 19 19 CYS CYS A . n 
A 1 20 ALA 20 20 20 ALA ALA A . n 
A 1 21 SER 21 21 21 SER SER A . n 
A 1 22 GLY 22 22 22 GLY GLY A . n 
A 1 23 THR 23 23 23 THR THR A . n 
A 1 24 THR 24 24 24 THR THR A . n 
A 1 25 CYS 25 25 25 CYS CYS A . n 
A 1 26 GLN 26 26 26 GLN GLN A . n 
A 1 27 VAL 27 27 27 VAL VAL A . n 
A 1 28 LEU 28 28 28 LEU LEU A . n 
A 1 29 ASN 29 29 29 ASN ASN A . n 
A 1 30 PRO 30 30 30 PRO PRO A . n 
A 1 31 TYR 31 31 31 TYR TYR A . n 
A 1 32 TYR 32 32 32 TYR TYR A . n 
A 1 33 SER 33 33 33 SER SER A . n 
A 1 34 GLN 34 34 34 GLN GLN A . n 
A 1 35 CYS 35 35 35 CYS CYS A . n 
A 1 36 LEU 36 36 36 LEU LEU A . n 
# 
loop_
_software.name 
_software.classification 
_software.version 
_software.citation_id 
_software.pdbx_ordinal 
X-PLOR 'model building' . ? 1 
X-PLOR refinement       . ? 2 
X-PLOR phasing          . ? 3 
# 
_cell.entry_id           1CBH 
_cell.length_a           1.000 
_cell.length_b           1.000 
_cell.length_c           1.000 
_cell.angle_alpha        90.00 
_cell.angle_beta         90.00 
_cell.angle_gamma        90.00 
_cell.Z_PDB              1 
_cell.pdbx_unique_axis   ? 
# 
_symmetry.entry_id                         1CBH 
_symmetry.space_group_name_H-M             'P 1' 
_symmetry.pdbx_full_space_group_name_H-M   ? 
_symmetry.cell_setting                     ? 
_symmetry.Int_Tables_number                1 
# 
_exptl.entry_id          1CBH 
_exptl.method            'SOLUTION NMR' 
_exptl.crystals_number   ? 
# 
_struct.entry_id                  1CBH 
_struct.title                     
;DETERMINATION OF THE THREE-DIMENSIONAL STRUCTURE OF THE C-TERMINAL DOMAIN OF CELLOBIOHYDROLASE I FROM TRICHODERMA REESEI. A STUDY USING NUCLEAR MAGNETIC RESONANCE AND HYBRID DISTANCE GEOMETRY-DYNAMICAL SIMULATED ANNEALING
;
_struct.pdbx_model_details        ? 
_struct.pdbx_CASP_flag            ? 
_struct.pdbx_model_type_details   ? 
# 
_struct_keywords.entry_id        1CBH 
_struct_keywords.pdbx_keywords   'HYDROLASE (O-GLYCOSYL)' 
_struct_keywords.text            'HYDROLASE (O-GLYCOSYL)' 
# 
_struct_asym.id                            A 
_struct_asym.pdbx_blank_PDB_chainid_flag   Y 
_struct_asym.pdbx_modified                 N 
_struct_asym.entity_id                     1 
_struct_asym.details                       ? 
# 
_struct_ref.id                         1 
_struct_ref.db_name                    UNP 
_struct_ref.db_code                    GUX1_TRIRE 
_struct_ref.entity_id                  1 
_struct_ref.pdbx_db_accession          P62694 
_struct_ref.pdbx_align_begin           1 
_struct_ref.pdbx_seq_one_letter_code   
;MYRKLAVISAFLATARAQSACTLQSETHPPLTWQKCSSGGTCTQQTGSVVIDANWRWTHATNSSTNCYDGNTWSSTLCPD
NETCAKNCCLDGAAYASTYGVTTSGNSLSIGFVTQSAQKNVGARLYLMASDTTYQEFTLLGNEFSFDVDVSQLPCGLNGA
LYFVSMDADGGVSKYPTNTAGAKYGTGYCDSQCPRDLKFINGQANVEGWEPSSNNANTGIGGHGSCCSEMDIWEANSISE
ALTPHPCTTVGQEICEGDGCGGTYSDNRYGGTCDPDGCDWNPYRLGNTSFYGPGSSFTLDTTKKLTVVTQFETSGAINRY
YVQNGVTFQQPNAELGSYSGNELNDDYCTAEEAEFGGSSFSDKGGLTQFKKATSGGMVLVMSLWDDYYANMLWLDSTYPT
NETSSTPGAVRGSCSTSSGVPAQVESQSPNAKVTFSNIKFGPIGSTGNPSGGNPPGGNRGTTTTRRPATTTGSSPGPTQS
HYGQCGGIGYSGPTVCASGTTCQVLNPYYSQCL
;
_struct_ref.pdbx_db_isoform            ? 
# 
_struct_ref_seq.align_id                      1 
_struct_ref_seq.ref_id                        1 
_struct_ref_seq.pdbx_PDB_id_code              1CBH 
_struct_ref_seq.pdbx_strand_id                A 
_struct_ref_seq.seq_align_beg                 1 
_struct_ref_seq.pdbx_seq_align_beg_ins_code   ? 
_struct_ref_seq.seq_align_end                 36 
_struct_ref_seq.pdbx_seq_align_end_ins_code   ? 
_struct_ref_seq.pdbx_db_accession             P62694 
_struct_ref_seq.db_align_beg                  478 
_struct_ref_seq.pdbx_db_align_beg_ins_code    ? 
_struct_ref_seq.db_align_end                  513 
_struct_ref_seq.pdbx_db_align_end_ins_code    ? 
_struct_ref_seq.pdbx_auth_seq_align_beg       1 
_struct_ref_seq.pdbx_auth_seq_align_end       36 
# 
_pdbx_struct_assembly.id                   1 
_pdbx_struct_assembly.details              author_defined_assembly 
_pdbx_struct_assembly.method_details       ? 
_pdbx_struct_assembly.oligomeric_details   monomeric 
_pdbx_struct_assembly.oligomeric_count     1 
# 
_pdbx_struct_assembly_gen.assembly_id       1 
_pdbx_struct_assembly_gen.oper_expression   1 
_pdbx_struct_assembly_gen.asym_id_list      A 
# 
_pdbx_struct_oper_list.id                   1 
_pdbx_struct_oper_list.type                 'identity operation' 
_pdbx_struct_oper_list.name                 1_555 
_pdbx_struct_oper_list.symmetry_operation   ? 
_pdbx_struct_oper_list.matrix[1][1]         1.0000000000 
_pdbx_struct_oper_list.matrix[1][2]         0.0000000000 
_pdbx_struct_oper_list.matrix[1][3]         0.0000000000 
_pdbx_struct_oper_list.vector[1]            0.0000000000 
_pdbx_struct_oper_list.matrix[2][1]         0.0000000000 
_pdbx_struct_oper_list.matrix[2][2]         1.0000000000 
_pdbx_struct_oper_list.matrix[2][3]         0.0000000000 
_pdbx_struct_oper_list.vector[2]            0.0000000000 
_pdbx_struct_oper_list.matrix[3][1]         0.0000000000 
_pdbx_struct_oper_list.matrix[3][2]         0.0000000000 
_pdbx_struct_oper_list.matrix[3][3]         1.0000000000 
_pdbx_struct_oper_list.vector[3]            0.0000000000 
# 
_struct_biol.id   1 
# 
loop_
_struct_conn.id 
_struct_conn.conn_type_id 
_struct_conn.pdbx_leaving_atom_flag 
_struct_conn.pdbx_PDB_id 
_struct_conn.ptnr1_label_asym_id 
_struct_conn.ptnr1_label_comp_id 
_struct_conn.ptnr1_label_seq_id 
_struct_conn.ptnr1_label_atom_id 
_struct_conn.pdbx_ptnr1_label_alt_id 
_struct_conn.pdbx_ptnr1_PDB_ins_code 
_struct_conn.pdbx_ptnr1_standard_comp_id 
_struct_conn.ptnr1_symmetry 
_struct_conn.ptnr2_label_asym_id 
_struct_conn.ptnr2_label_comp_id 
_struct_conn.ptnr2_label_seq_id 
_struct_conn.ptnr2_label_atom_id 
_struct_conn.pdbx_ptnr2_label_alt_id 
_struct_conn.pdbx_ptnr2_PDB_ins_code 
_struct_conn.ptnr1_auth_asym_id 
_struct_conn.ptnr1_auth_comp_id 
_struct_conn.ptnr1_auth_seq_id 
_struct_conn.ptnr2_auth_asym_id 
_struct_conn.ptnr2_auth_comp_id 
_struct_conn.ptnr2_auth_seq_id 
_struct_conn.ptnr2_symmetry 
_struct_conn.pdbx_ptnr3_label_atom_id 
_struct_conn.pdbx_ptnr3_label_seq_id 
_struct_conn.pdbx_ptnr3_label_comp_id 
_struct_conn.pdbx_ptnr3_label_asym_id 
_struct_conn.pdbx_ptnr3_label_alt_id 
_struct_conn.pdbx_ptnr3_PDB_ins_code 
_struct_conn.details 
_struct_conn.pdbx_dist_value 
_struct_conn.pdbx_value_order 
_struct_conn.pdbx_role 
disulf1 disulf ? ? A CYS 8  SG ? ? ? 1_555 A CYS 25 SG ? ? A CYS 8  A CYS 25 1_555 ? ? ? ? ? ? ? 2.024 ? ? 
disulf2 disulf ? ? A CYS 19 SG ? ? ? 1_555 A CYS 35 SG ? ? A CYS 19 A CYS 35 1_555 ? ? ? ? ? ? ? 2.021 ? ? 
# 
_struct_conn_type.id          disulf 
_struct_conn_type.criteria    ? 
_struct_conn_type.reference   ? 
# 
loop_
_pdbx_modification_feature.ordinal 
_pdbx_modification_feature.label_comp_id 
_pdbx_modification_feature.label_asym_id 
_pdbx_modification_feature.label_seq_id 
_pdbx_modification_feature.label_alt_id 
_pdbx_modification_feature.modified_residue_label_comp_id 
_pdbx_modification_feature.modified_residue_label_asym_id 
_pdbx_modification_feature.modified_residue_label_seq_id 
_pdbx_modification_feature.modified_residue_label_alt_id 
_pdbx_modification_feature.auth_comp_id 
_pdbx_modification_feature.auth_asym_id 
_pdbx_modification_feature.auth_seq_id 
_pdbx_modification_feature.PDB_ins_code 
_pdbx_modification_feature.symmetry 
_pdbx_modification_feature.modified_residue_auth_comp_id 
_pdbx_modification_feature.modified_residue_auth_asym_id 
_pdbx_modification_feature.modified_residue_auth_seq_id 
_pdbx_modification_feature.modified_residue_PDB_ins_code 
_pdbx_modification_feature.modified_residue_symmetry 
_pdbx_modification_feature.comp_id_linking_atom 
_pdbx_modification_feature.modified_residue_id_linking_atom 
_pdbx_modification_feature.modified_residue_id 
_pdbx_modification_feature.ref_pcm_id 
_pdbx_modification_feature.ref_comp_id 
_pdbx_modification_feature.type 
_pdbx_modification_feature.category 
1 CYS A 8  ? CYS A 25 ? CYS A 8  ? 1_555 CYS A 25 ? 1_555 SG SG . . . None 'Disulfide bridge' 
2 CYS A 19 ? CYS A 35 ? CYS A 19 ? 1_555 CYS A 35 ? 1_555 SG SG . . . None 'Disulfide bridge' 
# 
_struct_sheet.id               A 
_struct_sheet.type             ? 
_struct_sheet.number_strands   3 
_struct_sheet.details          ? 
# 
loop_
_struct_sheet_order.sheet_id 
_struct_sheet_order.range_id_1 
_struct_sheet_order.range_id_2 
_struct_sheet_order.offset 
_struct_sheet_order.sense 
A 1 2 ? anti-parallel 
A 2 3 ? anti-parallel 
# 
loop_
_struct_sheet_range.sheet_id 
_struct_sheet_range.id 
_struct_sheet_range.beg_label_comp_id 
_struct_sheet_range.beg_label_asym_id 
_struct_sheet_range.beg_label_seq_id 
_struct_sheet_range.pdbx_beg_PDB_ins_code 
_struct_sheet_range.end_label_comp_id 
_struct_sheet_range.end_label_asym_id 
_struct_sheet_range.end_label_seq_id 
_struct_sheet_range.pdbx_end_PDB_ins_code 
_struct_sheet_range.beg_auth_comp_id 
_struct_sheet_range.beg_auth_asym_id 
_struct_sheet_range.beg_auth_seq_id 
_struct_sheet_range.end_auth_comp_id 
_struct_sheet_range.end_auth_asym_id 
_struct_sheet_range.end_auth_seq_id 
A 1 TYR A 5  ? GLY A 9  ? TYR A 5  GLY A 9  
A 2 THR A 24 ? LEU A 28 ? THR A 24 LEU A 28 
A 3 SER A 33 ? LEU A 36 ? SER A 33 LEU A 36 
# 
_pdbx_entry_details.entry_id                   1CBH 
_pdbx_entry_details.compound_details           ? 
_pdbx_entry_details.source_details             ? 
_pdbx_entry_details.nonpolymer_details         ? 
_pdbx_entry_details.sequence_details           ? 
_pdbx_entry_details.has_ligand_of_interest     ? 
_pdbx_entry_details.has_protein_modification   Y 
# 
_pdbx_validate_rmsd_bond.id                        1 
_pdbx_validate_rmsd_bond.PDB_model_num             1 
_pdbx_validate_rmsd_bond.auth_atom_id_1            CG 
_pdbx_validate_rmsd_bond.auth_asym_id_1            A 
_pdbx_validate_rmsd_bond.auth_comp_id_1            HIS 
_pdbx_validate_rmsd_bond.auth_seq_id_1             4 
_pdbx_validate_rmsd_bond.PDB_ins_code_1            ? 
_pdbx_validate_rmsd_bond.label_alt_id_1            ? 
_pdbx_validate_rmsd_bond.auth_atom_id_2            ND1 
_pdbx_validate_rmsd_bond.auth_asym_id_2            A 
_pdbx_validate_rmsd_bond.auth_comp_id_2            HIS 
_pdbx_validate_rmsd_bond.auth_seq_id_2             4 
_pdbx_validate_rmsd_bond.PDB_ins_code_2            ? 
_pdbx_validate_rmsd_bond.label_alt_id_2            ? 
_pdbx_validate_rmsd_bond.bond_value                1.256 
_pdbx_validate_rmsd_bond.bond_target_value         1.369 
_pdbx_validate_rmsd_bond.bond_deviation            -0.113 
_pdbx_validate_rmsd_bond.bond_standard_deviation   0.015 
_pdbx_validate_rmsd_bond.linker_flag               N 
# 
loop_
_pdbx_validate_torsion.id 
_pdbx_validate_torsion.PDB_model_num 
_pdbx_validate_torsion.auth_comp_id 
_pdbx_validate_torsion.auth_asym_id 
_pdbx_validate_torsion.auth_seq_id 
_pdbx_validate_torsion.PDB_ins_code 
_pdbx_validate_torsion.label_alt_id 
_pdbx_validate_torsion.phi 
_pdbx_validate_torsion.psi 
1 1 ILE A 11 ? ? -48.73  150.14 
2 1 PRO A 30 ? ? -68.52  25.03  
3 1 TYR A 31 ? ? -152.30 11.86  
4 1 TYR A 32 ? ? -170.39 130.84 
# 
_pdbx_nmr_ensemble.entry_id                             1CBH 
_pdbx_nmr_ensemble.conformers_calculated_total_number   ? 
_pdbx_nmr_ensemble.conformers_submitted_total_number    1 
_pdbx_nmr_ensemble.conformer_selection_criteria         ? 
# 
_pdbx_nmr_refine.entry_id           1CBH 
_pdbx_nmr_refine.method             ? 
_pdbx_nmr_refine.details            
;REFINEMENT. THE METHOD USED TO DETERMINE AND REFINE THE
 STRUCTURE IS THE HYBRID METRIC MATRIX DISTANCE
 GEOMETRY-DYNAMICAL SIMULATED ANNEALING METHOD
 (M.NILGES, G.M.CLORE, A.M. GRONENBORN, FEBS LETT. 229,
 317-324 (1988)) USING THE PROGRAM XPLOR (A.T. BRUENGER,
 YALE UNIVERSITY, CT 06511).

 STRUCTURAL STATISTICS

 RMS DEVIATION FROM EXPERIMENTAL RESTRAINTS *(1)*

 RESTRAINT TYPE      NUMBER OF RESTRAINTS   RMS (ANGSTROMS)

 ALL                 578                    0.024
 INTERRESIDUE
  SHORT RANGE        206                    0.030
 INTERRESIDUE
  LONG RANGE         137                    0.017
 INTRARESIDUE        211                    0.021
 HBOND *(2)*          24                    0.019

 POTENTIAL ENERGY TERMS

 TYPE                 ENERGY (KCAL/MOL)

 F(NOE) *(3)*          17
 F(TOR) *(4)*           0
 F(REPEL) *(5)*        34

 LENNARD-JONES VAN DER WAALS ENERGY (E(L-J)) CALCULATED
 USING THE *CHARMM* EMPIRICAL ENERGY FUNCTION IS
 -118 KCAL/MOL.

 DEVIATIONS FROM IDEALIZED GEOMETRY *(6)*

 TYPE             TOTAL NUMBER        RMS DEVIATION

 BONDS             503                0.010 (ANGSTROMS)
 ANGLES            896                2.170 (DEGREES)
 IMPROPERS         227                0.911 (DEGREES)

 NOTES.
 *(1)*  THE RMS DEVIATION FROM THE EXPERIMENTAL RESTRAINTS
        ARE CALCULATED WITH RESPECT TO THE UPPER AND
        LOWER LIMITS OF THE DISTANCE RESTRAINTS.  NONE OF
        THE STRUCTURES EXHIBITED VIOLATIONS GREATER THAN
        0.5 ANGSTROMS.
 *(2)*  FOR EACH BACKBONE HYDROGEN BOND THERE ARE TWO
        RESTRAINTS - R(NH-O) .LT. 2.3 ANGSTROMS AND
        R(N-O) .LT. 3.3 ANGSTROMS.  THE LOWER LIMITS
        ARE GIVEN BY THE SUM OF THE VAN DER WAALS RADII
        OF THE RELEVANT ATOMS.
 *(3)*  THE VALUES OF THE SQUARE-WELL NOE POTENTIAL
        F(NOE) ARE CALCULATED WITH A FORCE CONSTANT OF
        50 KCAL/MOL/ANGSTROM**2.
 *(4)*  THE VALUES OF F(PHI) ARE CALCULATED WITH A FORCE
        CONSTANT OF 200 KCAL/MOL/RAD**2. F(PHI) IS A
        SQUARE-WELL DIHEDRAL POTENTIAL WHICH IS USED TO
        RESTRICT THE RANGES OF 33 PHI ,24 PSI AND 25 CHI1
        TORSION ANGLES.
 *(5)*  THE VALUE OF THE VAN DER WAALS REPULSION TERM
        F(REPEL) IS CALCULATED WITH A FORCE CONSTANT OF
        4 KCAL/MOL/ANGSTROM**4 WITH THE HARD SPHERE
        VAN DER WAALS RADII SET TO 0.8 TIMES THE STANDARD
        VALUES USED IN THE *CHARMM* EMPIRICAL ENERGY
        FUNCTION.
 *(6)*  THE IMPROPER TERMS SERVE TO MAINTAIN PLANARITY
        AND APPROPRIATE CHIRALITY.  THEY ALSO MAINTAIN THE
        PEPTIDE BONDS OF ALL RESIDUES (WITH THE EXCEPTION
        OF PROLINES) IN THE TRANS CONFORMATION.  IN THE
        DYNAMICAL SIMULATED ANNEALING CALCULATIONS, THE
        RESTRAINTS FOR THE DISULFIDE BRIDGES ARE INCLUDED
        IN THE BOND AND ANGLE TERMS.

A TOTAL OF 41 STRUCTURES CONSISTENT WITH THE NMR DATA
WERE CALCULATED.  THIS ENTRY REPRESENTS THE COORDINATES
OBTAINED BY AVERAGING THE COORDINATES OF THE INDIVIDUAL
STRUCTURES AND SUBJECTING THE RESULTING COORDINATES TO
FURTHER RESTRAINED MINIMIZATION.  THE COORDINATES OF THE
41 STRUCTURES ARE GIVEN IN THE PROTEIN DATA BANK ENTRY
*2CBH*.

THE THERMAL PARAMETERS GIVEN IN THIS ENTRY REPRESENT THE
ATOMIC RMS DEVIATION OF THE INDIVIDUAL STRUCTURES ABOUT
THE MEAN COORDINATE POSITIONS.

ALL THE INTERPROTON DISTANCE AND TORSION ANGLE RESTRAINTS
ARE AVAILABLE IN THE RESTRAINT FILE.
;
_pdbx_nmr_refine.software_ordinal   1 
# 
_pdbx_nmr_software.classification   refinement 
_pdbx_nmr_software.name             XPLOR 
_pdbx_nmr_software.version          ? 
_pdbx_nmr_software.authors          BRUNGER 
_pdbx_nmr_software.ordinal          1 
# 
loop_
_chem_comp_atom.comp_id 
_chem_comp_atom.atom_id 
_chem_comp_atom.type_symbol 
_chem_comp_atom.pdbx_aromatic_flag 
_chem_comp_atom.pdbx_stereo_config 
_chem_comp_atom.pdbx_ordinal 
ALA N    N N N 1   
ALA CA   C N S 2   
ALA C    C N N 3   
ALA O    O N N 4   
ALA CB   C N N 5   
ALA OXT  O N N 6   
ALA H    H N N 7   
ALA H2   H N N 8   
ALA HA   H N N 9   
ALA HB1  H N N 10  
ALA HB2  H N N 11  
ALA HB3  H N N 12  
ALA HXT  H N N 13  
ASN N    N N N 14  
ASN CA   C N S 15  
ASN C    C N N 16  
ASN O    O N N 17  
ASN CB   C N N 18  
ASN CG   C N N 19  
ASN OD1  O N N 20  
ASN ND2  N N N 21  
ASN OXT  O N N 22  
ASN H    H N N 23  
ASN H2   H N N 24  
ASN HA   H N N 25  
ASN HB2  H N N 26  
ASN HB3  H N N 27  
ASN HD21 H N N 28  
ASN HD22 H N N 29  
ASN HXT  H N N 30  
CYS N    N N N 31  
CYS CA   C N R 32  
CYS C    C N N 33  
CYS O    O N N 34  
CYS CB   C N N 35  
CYS SG   S N N 36  
CYS OXT  O N N 37  
CYS H    H N N 38  
CYS H2   H N N 39  
CYS HA   H N N 40  
CYS HB2  H N N 41  
CYS HB3  H N N 42  
CYS HG   H N N 43  
CYS HXT  H N N 44  
GLN N    N N N 45  
GLN CA   C N S 46  
GLN C    C N N 47  
GLN O    O N N 48  
GLN CB   C N N 49  
GLN CG   C N N 50  
GLN CD   C N N 51  
GLN OE1  O N N 52  
GLN NE2  N N N 53  
GLN OXT  O N N 54  
GLN H    H N N 55  
GLN H2   H N N 56  
GLN HA   H N N 57  
GLN HB2  H N N 58  
GLN HB3  H N N 59  
GLN HG2  H N N 60  
GLN HG3  H N N 61  
GLN HE21 H N N 62  
GLN HE22 H N N 63  
GLN HXT  H N N 64  
GLY N    N N N 65  
GLY CA   C N N 66  
GLY C    C N N 67  
GLY O    O N N 68  
GLY OXT  O N N 69  
GLY H    H N N 70  
GLY H2   H N N 71  
GLY HA2  H N N 72  
GLY HA3  H N N 73  
GLY HXT  H N N 74  
HIS N    N N N 75  
HIS CA   C N S 76  
HIS C    C N N 77  
HIS O    O N N 78  
HIS CB   C N N 79  
HIS CG   C Y N 80  
HIS ND1  N Y N 81  
HIS CD2  C Y N 82  
HIS CE1  C Y N 83  
HIS NE2  N Y N 84  
HIS OXT  O N N 85  
HIS H    H N N 86  
HIS H2   H N N 87  
HIS HA   H N N 88  
HIS HB2  H N N 89  
HIS HB3  H N N 90  
HIS HD1  H N N 91  
HIS HD2  H N N 92  
HIS HE1  H N N 93  
HIS HE2  H N N 94  
HIS HXT  H N N 95  
ILE N    N N N 96  
ILE CA   C N S 97  
ILE C    C N N 98  
ILE O    O N N 99  
ILE CB   C N S 100 
ILE CG1  C N N 101 
ILE CG2  C N N 102 
ILE CD1  C N N 103 
ILE OXT  O N N 104 
ILE H    H N N 105 
ILE H2   H N N 106 
ILE HA   H N N 107 
ILE HB   H N N 108 
ILE HG12 H N N 109 
ILE HG13 H N N 110 
ILE HG21 H N N 111 
ILE HG22 H N N 112 
ILE HG23 H N N 113 
ILE HD11 H N N 114 
ILE HD12 H N N 115 
ILE HD13 H N N 116 
ILE HXT  H N N 117 
LEU N    N N N 118 
LEU CA   C N S 119 
LEU C    C N N 120 
LEU O    O N N 121 
LEU CB   C N N 122 
LEU CG   C N N 123 
LEU CD1  C N N 124 
LEU CD2  C N N 125 
LEU OXT  O N N 126 
LEU H    H N N 127 
LEU H2   H N N 128 
LEU HA   H N N 129 
LEU HB2  H N N 130 
LEU HB3  H N N 131 
LEU HG   H N N 132 
LEU HD11 H N N 133 
LEU HD12 H N N 134 
LEU HD13 H N N 135 
LEU HD21 H N N 136 
LEU HD22 H N N 137 
LEU HD23 H N N 138 
LEU HXT  H N N 139 
PRO N    N N N 140 
PRO CA   C N S 141 
PRO C    C N N 142 
PRO O    O N N 143 
PRO CB   C N N 144 
PRO CG   C N N 145 
PRO CD   C N N 146 
PRO OXT  O N N 147 
PRO H    H N N 148 
PRO HA   H N N 149 
PRO HB2  H N N 150 
PRO HB3  H N N 151 
PRO HG2  H N N 152 
PRO HG3  H N N 153 
PRO HD2  H N N 154 
PRO HD3  H N N 155 
PRO HXT  H N N 156 
SER N    N N N 157 
SER CA   C N S 158 
SER C    C N N 159 
SER O    O N N 160 
SER CB   C N N 161 
SER OG   O N N 162 
SER OXT  O N N 163 
SER H    H N N 164 
SER H2   H N N 165 
SER HA   H N N 166 
SER HB2  H N N 167 
SER HB3  H N N 168 
SER HG   H N N 169 
SER HXT  H N N 170 
THR N    N N N 171 
THR CA   C N S 172 
THR C    C N N 173 
THR O    O N N 174 
THR CB   C N R 175 
THR OG1  O N N 176 
THR CG2  C N N 177 
THR OXT  O N N 178 
THR H    H N N 179 
THR H2   H N N 180 
THR HA   H N N 181 
THR HB   H N N 182 
THR HG1  H N N 183 
THR HG21 H N N 184 
THR HG22 H N N 185 
THR HG23 H N N 186 
THR HXT  H N N 187 
TYR N    N N N 188 
TYR CA   C N S 189 
TYR C    C N N 190 
TYR O    O N N 191 
TYR CB   C N N 192 
TYR CG   C Y N 193 
TYR CD1  C Y N 194 
TYR CD2  C Y N 195 
TYR CE1  C Y N 196 
TYR CE2  C Y N 197 
TYR CZ   C Y N 198 
TYR OH   O N N 199 
TYR OXT  O N N 200 
TYR H    H N N 201 
TYR H2   H N N 202 
TYR HA   H N N 203 
TYR HB2  H N N 204 
TYR HB3  H N N 205 
TYR HD1  H N N 206 
TYR HD2  H N N 207 
TYR HE1  H N N 208 
TYR HE2  H N N 209 
TYR HH   H N N 210 
TYR HXT  H N N 211 
VAL N    N N N 212 
VAL CA   C N S 213 
VAL C    C N N 214 
VAL O    O N N 215 
VAL CB   C N N 216 
VAL CG1  C N N 217 
VAL CG2  C N N 218 
VAL OXT  O N N 219 
VAL H    H N N 220 
VAL H2   H N N 221 
VAL HA   H N N 222 
VAL HB   H N N 223 
VAL HG11 H N N 224 
VAL HG12 H N N 225 
VAL HG13 H N N 226 
VAL HG21 H N N 227 
VAL HG22 H N N 228 
VAL HG23 H N N 229 
VAL HXT  H N N 230 
# 
loop_
_chem_comp_bond.comp_id 
_chem_comp_bond.atom_id_1 
_chem_comp_bond.atom_id_2 
_chem_comp_bond.value_order 
_chem_comp_bond.pdbx_aromatic_flag 
_chem_comp_bond.pdbx_stereo_config 
_chem_comp_bond.pdbx_ordinal 
ALA N   CA   sing N N 1   
ALA N   H    sing N N 2   
ALA N   H2   sing N N 3   
ALA CA  C    sing N N 4   
ALA CA  CB   sing N N 5   
ALA CA  HA   sing N N 6   
ALA C   O    doub N N 7   
ALA C   OXT  sing N N 8   
ALA CB  HB1  sing N N 9   
ALA CB  HB2  sing N N 10  
ALA CB  HB3  sing N N 11  
ALA OXT HXT  sing N N 12  
ASN N   CA   sing N N 13  
ASN N   H    sing N N 14  
ASN N   H2   sing N N 15  
ASN CA  C    sing N N 16  
ASN CA  CB   sing N N 17  
ASN CA  HA   sing N N 18  
ASN C   O    doub N N 19  
ASN C   OXT  sing N N 20  
ASN CB  CG   sing N N 21  
ASN CB  HB2  sing N N 22  
ASN CB  HB3  sing N N 23  
ASN CG  OD1  doub N N 24  
ASN CG  ND2  sing N N 25  
ASN ND2 HD21 sing N N 26  
ASN ND2 HD22 sing N N 27  
ASN OXT HXT  sing N N 28  
CYS N   CA   sing N N 29  
CYS N   H    sing N N 30  
CYS N   H2   sing N N 31  
CYS CA  C    sing N N 32  
CYS CA  CB   sing N N 33  
CYS CA  HA   sing N N 34  
CYS C   O    doub N N 35  
CYS C   OXT  sing N N 36  
CYS CB  SG   sing N N 37  
CYS CB  HB2  sing N N 38  
CYS CB  HB3  sing N N 39  
CYS SG  HG   sing N N 40  
CYS OXT HXT  sing N N 41  
GLN N   CA   sing N N 42  
GLN N   H    sing N N 43  
GLN N   H2   sing N N 44  
GLN CA  C    sing N N 45  
GLN CA  CB   sing N N 46  
GLN CA  HA   sing N N 47  
GLN C   O    doub N N 48  
GLN C   OXT  sing N N 49  
GLN CB  CG   sing N N 50  
GLN CB  HB2  sing N N 51  
GLN CB  HB3  sing N N 52  
GLN CG  CD   sing N N 53  
GLN CG  HG2  sing N N 54  
GLN CG  HG3  sing N N 55  
GLN CD  OE1  doub N N 56  
GLN CD  NE2  sing N N 57  
GLN NE2 HE21 sing N N 58  
GLN NE2 HE22 sing N N 59  
GLN OXT HXT  sing N N 60  
GLY N   CA   sing N N 61  
GLY N   H    sing N N 62  
GLY N   H2   sing N N 63  
GLY CA  C    sing N N 64  
GLY CA  HA2  sing N N 65  
GLY CA  HA3  sing N N 66  
GLY C   O    doub N N 67  
GLY C   OXT  sing N N 68  
GLY OXT HXT  sing N N 69  
HIS N   CA   sing N N 70  
HIS N   H    sing N N 71  
HIS N   H2   sing N N 72  
HIS CA  C    sing N N 73  
HIS CA  CB   sing N N 74  
HIS CA  HA   sing N N 75  
HIS C   O    doub N N 76  
HIS C   OXT  sing N N 77  
HIS CB  CG   sing N N 78  
HIS CB  HB2  sing N N 79  
HIS CB  HB3  sing N N 80  
HIS CG  ND1  sing Y N 81  
HIS CG  CD2  doub Y N 82  
HIS ND1 CE1  doub Y N 83  
HIS ND1 HD1  sing N N 84  
HIS CD2 NE2  sing Y N 85  
HIS CD2 HD2  sing N N 86  
HIS CE1 NE2  sing Y N 87  
HIS CE1 HE1  sing N N 88  
HIS NE2 HE2  sing N N 89  
HIS OXT HXT  sing N N 90  
ILE N   CA   sing N N 91  
ILE N   H    sing N N 92  
ILE N   H2   sing N N 93  
ILE CA  C    sing N N 94  
ILE CA  CB   sing N N 95  
ILE CA  HA   sing N N 96  
ILE C   O    doub N N 97  
ILE C   OXT  sing N N 98  
ILE CB  CG1  sing N N 99  
ILE CB  CG2  sing N N 100 
ILE CB  HB   sing N N 101 
ILE CG1 CD1  sing N N 102 
ILE CG1 HG12 sing N N 103 
ILE CG1 HG13 sing N N 104 
ILE CG2 HG21 sing N N 105 
ILE CG2 HG22 sing N N 106 
ILE CG2 HG23 sing N N 107 
ILE CD1 HD11 sing N N 108 
ILE CD1 HD12 sing N N 109 
ILE CD1 HD13 sing N N 110 
ILE OXT HXT  sing N N 111 
LEU N   CA   sing N N 112 
LEU N   H    sing N N 113 
LEU N   H2   sing N N 114 
LEU CA  C    sing N N 115 
LEU CA  CB   sing N N 116 
LEU CA  HA   sing N N 117 
LEU C   O    doub N N 118 
LEU C   OXT  sing N N 119 
LEU CB  CG   sing N N 120 
LEU CB  HB2  sing N N 121 
LEU CB  HB3  sing N N 122 
LEU CG  CD1  sing N N 123 
LEU CG  CD2  sing N N 124 
LEU CG  HG   sing N N 125 
LEU CD1 HD11 sing N N 126 
LEU CD1 HD12 sing N N 127 
LEU CD1 HD13 sing N N 128 
LEU CD2 HD21 sing N N 129 
LEU CD2 HD22 sing N N 130 
LEU CD2 HD23 sing N N 131 
LEU OXT HXT  sing N N 132 
PRO N   CA   sing N N 133 
PRO N   CD   sing N N 134 
PRO N   H    sing N N 135 
PRO CA  C    sing N N 136 
PRO CA  CB   sing N N 137 
PRO CA  HA   sing N N 138 
PRO C   O    doub N N 139 
PRO C   OXT  sing N N 140 
PRO CB  CG   sing N N 141 
PRO CB  HB2  sing N N 142 
PRO CB  HB3  sing N N 143 
PRO CG  CD   sing N N 144 
PRO CG  HG2  sing N N 145 
PRO CG  HG3  sing N N 146 
PRO CD  HD2  sing N N 147 
PRO CD  HD3  sing N N 148 
PRO OXT HXT  sing N N 149 
SER N   CA   sing N N 150 
SER N   H    sing N N 151 
SER N   H2   sing N N 152 
SER CA  C    sing N N 153 
SER CA  CB   sing N N 154 
SER CA  HA   sing N N 155 
SER C   O    doub N N 156 
SER C   OXT  sing N N 157 
SER CB  OG   sing N N 158 
SER CB  HB2  sing N N 159 
SER CB  HB3  sing N N 160 
SER OG  HG   sing N N 161 
SER OXT HXT  sing N N 162 
THR N   CA   sing N N 163 
THR N   H    sing N N 164 
THR N   H2   sing N N 165 
THR CA  C    sing N N 166 
THR CA  CB   sing N N 167 
THR CA  HA   sing N N 168 
THR C   O    doub N N 169 
THR C   OXT  sing N N 170 
THR CB  OG1  sing N N 171 
THR CB  CG2  sing N N 172 
THR CB  HB   sing N N 173 
THR OG1 HG1  sing N N 174 
THR CG2 HG21 sing N N 175 
THR CG2 HG22 sing N N 176 
THR CG2 HG23 sing N N 177 
THR OXT HXT  sing N N 178 
TYR N   CA   sing N N 179 
TYR N   H    sing N N 180 
TYR N   H2   sing N N 181 
TYR CA  C    sing N N 182 
TYR CA  CB   sing N N 183 
TYR CA  HA   sing N N 184 
TYR C   O    doub N N 185 
TYR C   OXT  sing N N 186 
TYR CB  CG   sing N N 187 
TYR CB  HB2  sing N N 188 
TYR CB  HB3  sing N N 189 
TYR CG  CD1  doub Y N 190 
TYR CG  CD2  sing Y N 191 
TYR CD1 CE1  sing Y N 192 
TYR CD1 HD1  sing N N 193 
TYR CD2 CE2  doub Y N 194 
TYR CD2 HD2  sing N N 195 
TYR CE1 CZ   doub Y N 196 
TYR CE1 HE1  sing N N 197 
TYR CE2 CZ   sing Y N 198 
TYR CE2 HE2  sing N N 199 
TYR CZ  OH   sing N N 200 
TYR OH  HH   sing N N 201 
TYR OXT HXT  sing N N 202 
VAL N   CA   sing N N 203 
VAL N   H    sing N N 204 
VAL N   H2   sing N N 205 
VAL CA  C    sing N N 206 
VAL CA  CB   sing N N 207 
VAL CA  HA   sing N N 208 
VAL C   O    doub N N 209 
VAL C   OXT  sing N N 210 
VAL CB  CG1  sing N N 211 
VAL CB  CG2  sing N N 212 
VAL CB  HB   sing N N 213 
VAL CG1 HG11 sing N N 214 
VAL CG1 HG12 sing N N 215 
VAL CG1 HG13 sing N N 216 
VAL CG2 HG21 sing N N 217 
VAL CG2 HG22 sing N N 218 
VAL CG2 HG23 sing N N 219 
VAL OXT HXT  sing N N 220 
# 
_atom_sites.entry_id                    1CBH 
_atom_sites.fract_transf_matrix[1][1]   1.000000 
_atom_sites.fract_transf_matrix[1][2]   0.000000 
_atom_sites.fract_transf_matrix[1][3]   0.000000 
_atom_sites.fract_transf_matrix[2][1]   0.000000 
_atom_sites.fract_transf_matrix[2][2]   1.000000 
_atom_sites.fract_transf_matrix[2][3]   0.000000 
_atom_sites.fract_transf_matrix[3][1]   0.000000 
_atom_sites.fract_transf_matrix[3][2]   0.000000 
_atom_sites.fract_transf_matrix[3][3]   1.000000 
_atom_sites.fract_transf_vector[1]      0.00000 
_atom_sites.fract_transf_vector[2]      0.00000 
_atom_sites.fract_transf_vector[3]      0.00000 
# 
loop_
_atom_type.symbol 
C 
H 
N 
O 
S 
# 
loop_
_atom_site.group_PDB 
_atom_site.id 
_atom_site.type_symbol 
_atom_site.label_atom_id 
_atom_site.label_alt_id 
_atom_site.label_comp_id 
_atom_site.label_asym_id 
_atom_site.label_entity_id 
_atom_site.label_seq_id 
_atom_site.pdbx_PDB_ins_code 
_atom_site.Cartn_x 
_atom_site.Cartn_y 
_atom_site.Cartn_z 
_atom_site.occupancy 
_atom_site.B_iso_or_equiv 
_atom_site.pdbx_formal_charge 
_atom_site.auth_seq_id 
_atom_site.auth_comp_id 
_atom_site.auth_asym_id 
_atom_site.auth_atom_id 
_atom_site.pdbx_PDB_model_num 
ATOM 1   N N    . THR A 1 1  ? -6.787 3.495   -7.317  1.00 0.69 ? 1  THR A N    1 
ATOM 2   C CA   . THR A 1 1  ? -5.620 4.050   -6.575  1.00 0.50 ? 1  THR A CA   1 
ATOM 3   C C    . THR A 1 1  ? -5.862 3.942   -5.078  1.00 0.45 ? 1  THR A C    1 
ATOM 4   O O    . THR A 1 1  ? -6.972 3.718   -4.636  1.00 0.67 ? 1  THR A O    1 
ATOM 5   C CB   . THR A 1 1  ? -5.406 5.519   -6.924  1.00 0.50 ? 1  THR A CB   1 
ATOM 6   O OG1  . THR A 1 1  ? -6.468 5.845   -7.811  1.00 0.68 ? 1  THR A OG1  1 
ATOM 7   C CG2  . THR A 1 1  ? -4.117 5.761   -7.722  1.00 0.49 ? 1  THR A CG2  1 
ATOM 8   H H1   . THR A 1 1  ? -7.649 4.006   -7.039  1.00 1.04 ? 1  THR A H1   1 
ATOM 9   H H2   . THR A 1 1  ? -6.632 3.605   -8.339  1.00 1.31 ? 1  THR A H2   1 
ATOM 10  H H3   . THR A 1 1  ? -6.895 2.485   -7.089  1.00 1.19 ? 1  THR A H3   1 
ATOM 11  H HA   . THR A 1 1  ? -4.745 3.495   -6.817  1.00 0.49 ? 1  THR A HA   1 
ATOM 12  H HB   . THR A 1 1  ? -5.431 6.123   -6.052  1.00 0.52 ? 1  THR A HB   1 
ATOM 13  H HG1  . THR A 1 1  ? -6.086 6.246   -8.595  1.00 1.03 ? 1  THR A HG1  1 
ATOM 14  H HG21 . THR A 1 1  ? -3.898 4.912   -8.351  1.00 1.15 ? 1  THR A HG21 1 
ATOM 15  H HG22 . THR A 1 1  ? -4.236 6.636   -8.344  1.00 1.12 ? 1  THR A HG22 1 
ATOM 16  H HG23 . THR A 1 1  ? -3.293 5.922   -7.040  1.00 1.06 ? 1  THR A HG23 1 
ATOM 17  N N    . GLN A 1 2  ? -4.807 4.106   -4.331  1.00 0.33 ? 2  GLN A N    1 
ATOM 18  C CA   . GLN A 1 2  ? -4.925 4.032   -2.851  1.00 0.32 ? 2  GLN A CA   1 
ATOM 19  C C    . GLN A 1 2  ? -4.801 5.430   -2.257  1.00 0.33 ? 2  GLN A C    1 
ATOM 20  O O    . GLN A 1 2  ? -4.484 6.373   -2.955  1.00 0.57 ? 2  GLN A O    1 
ATOM 21  C CB   . GLN A 1 2  ? -3.794 3.156   -2.306  1.00 0.36 ? 2  GLN A CB   1 
ATOM 22  C CG   . GLN A 1 2  ? -4.365 2.181   -1.274  1.00 0.43 ? 2  GLN A CG   1 
ATOM 23  C CD   . GLN A 1 2  ? -5.147 1.082   -1.996  1.00 0.82 ? 2  GLN A CD   1 
ATOM 24  O OE1  . GLN A 1 2  ? -4.863 0.745   -3.128  1.00 1.42 ? 2  GLN A OE1  1 
ATOM 25  N NE2  . GLN A 1 2  ? -6.137 0.499   -1.378  1.00 1.30 ? 2  GLN A NE2  1 
ATOM 26  H H    . GLN A 1 2  ? -3.936 4.283   -4.745  1.00 0.43 ? 2  GLN A H    1 
ATOM 27  H HA   . GLN A 1 2  ? -5.881 3.610   -2.584  1.00 0.37 ? 2  GLN A HA   1 
ATOM 28  H HB2  . GLN A 1 2  ? -3.342 2.602   -3.116  1.00 0.58 ? 2  GLN A HB2  1 
ATOM 29  H HB3  . GLN A 1 2  ? -3.046 3.779   -1.841  1.00 0.60 ? 2  GLN A HB3  1 
ATOM 30  H HG2  . GLN A 1 2  ? -3.561 1.734   -0.709  1.00 0.77 ? 2  GLN A HG2  1 
ATOM 31  H HG3  . GLN A 1 2  ? -5.026 2.706   -0.599  1.00 0.75 ? 2  GLN A HG3  1 
ATOM 32  H HE21 . GLN A 1 2  ? -6.370 0.767   -0.465  1.00 1.60 ? 2  GLN A HE21 1 
ATOM 33  H HE22 . GLN A 1 2  ? -6.646 -0.207  -1.827  1.00 1.65 ? 2  GLN A HE22 1 
ATOM 34  N N    . SER A 1 3  ? -5.056 5.533   -0.983  1.00 0.31 ? 3  SER A N    1 
ATOM 35  C CA   . SER A 1 3  ? -4.955 6.859   -0.311  1.00 0.29 ? 3  SER A CA   1 
ATOM 36  C C    . SER A 1 3  ? -3.814 6.843   0.706   1.00 0.25 ? 3  SER A C    1 
ATOM 37  O O    . SER A 1 3  ? -3.160 5.836   0.893   1.00 0.31 ? 3  SER A O    1 
ATOM 38  C CB   . SER A 1 3  ? -6.261 7.158   0.394   1.00 0.38 ? 3  SER A CB   1 
ATOM 39  O OG   . SER A 1 3  ? -7.054 6.002   0.169   1.00 0.58 ? 3  SER A OG   1 
ATOM 40  H H    . SER A 1 3  ? -5.314 4.740   -0.468  1.00 0.49 ? 3  SER A H    1 
ATOM 41  H HA   . SER A 1 3  ? -4.764 7.620   -1.037  1.00 0.31 ? 3  SER A HA   1 
ATOM 42  H HB2  . SER A 1 3  ? -6.090 7.300   1.435   1.00 0.46 ? 3  SER A HB2  1 
ATOM 43  H HB3  . SER A 1 3  ? -6.736 8.029   -0.034  1.00 0.54 ? 3  SER A HB3  1 
ATOM 44  H HG   . SER A 1 3  ? -7.936 6.177   0.506   1.00 0.95 ? 3  SER A HG   1 
ATOM 45  N N    . HIS A 1 4  ? -3.603 7.955   1.346   1.00 0.24 ? 4  HIS A N    1 
ATOM 46  C CA   . HIS A 1 4  ? -2.498 8.025   2.337   1.00 0.23 ? 4  HIS A CA   1 
ATOM 47  C C    . HIS A 1 4  ? -2.794 6.996   3.453   1.00 0.23 ? 4  HIS A C    1 
ATOM 48  O O    . HIS A 1 4  ? -3.933 6.816   3.830   1.00 0.34 ? 4  HIS A O    1 
ATOM 49  C CB   . HIS A 1 4  ? -2.459 9.460   2.896   1.00 0.27 ? 4  HIS A CB   1 
ATOM 50  C CG   . HIS A 1 4  ? -1.264 9.655   3.840   1.00 0.30 ? 4  HIS A CG   1 
ATOM 51  N ND1  . HIS A 1 4  ? -1.097 10.661  4.573   1.00 0.38 ? 4  HIS A ND1  1 
ATOM 52  C CD2  . HIS A 1 4  ? -0.113 8.903   3.991   1.00 0.31 ? 4  HIS A CD2  1 
ATOM 53  C CE1  . HIS A 1 4  ? 0.032  10.624  5.159   1.00 0.40 ? 4  HIS A CE1  1 
ATOM 54  N NE2  . HIS A 1 4  ? 0.728  9.535   4.848   1.00 0.35 ? 4  HIS A NE2  1 
ATOM 55  H H    . HIS A 1 4  ? -4.167 8.739   1.178   1.00 0.32 ? 4  HIS A H    1 
ATOM 56  H HA   . HIS A 1 4  ? -1.567 7.784   1.850   1.00 0.22 ? 4  HIS A HA   1 
ATOM 57  H HB2  . HIS A 1 4  ? -2.381 10.163  2.081   1.00 0.29 ? 4  HIS A HB2  1 
ATOM 58  H HB3  . HIS A 1 4  ? -3.370 9.657   3.442   1.00 0.29 ? 4  HIS A HB3  1 
ATOM 59  H HD1  . HIS A 1 4  ? -1.752 11.381  4.681   1.00 0.46 ? 4  HIS A HD1  1 
ATOM 60  H HD2  . HIS A 1 4  ? 0.101  7.983   3.480   1.00 0.37 ? 4  HIS A HD2  1 
ATOM 61  H HE1  . HIS A 1 4  ? 0.388  11.394  5.827   1.00 0.48 ? 4  HIS A HE1  1 
ATOM 62  N N    . TYR A 1 5  ? -1.769 6.327   3.931   1.00 0.21 ? 5  TYR A N    1 
ATOM 63  C CA   . TYR A 1 5  ? -1.974 5.276   4.993   1.00 0.24 ? 5  TYR A CA   1 
ATOM 64  C C    . TYR A 1 5  ? -2.826 4.135   4.431   1.00 0.26 ? 5  TYR A C    1 
ATOM 65  O O    . TYR A 1 5  ? -3.436 3.389   5.173   1.00 0.37 ? 5  TYR A O    1 
ATOM 66  C CB   . TYR A 1 5  ? -2.678 5.859   6.231   1.00 0.29 ? 5  TYR A CB   1 
ATOM 67  C CG   . TYR A 1 5  ? -1.929 7.074   6.736   1.00 0.29 ? 5  TYR A CG   1 
ATOM 68  C CD1  . TYR A 1 5  ? -0.743 6.912   7.397   1.00 0.36 ? 5  TYR A CD1  1 
ATOM 69  C CD2  . TYR A 1 5  ? -2.427 8.342   6.544   1.00 0.37 ? 5  TYR A CD2  1 
ATOM 70  C CE1  . TYR A 1 5  ? -0.046 8.003   7.866   1.00 0.46 ? 5  TYR A CE1  1 
ATOM 71  C CE2  . TYR A 1 5  ? -1.738 9.438   7.012   1.00 0.47 ? 5  TYR A CE2  1 
ATOM 72  C CZ   . TYR A 1 5  ? -0.538 9.278   7.678   1.00 0.50 ? 5  TYR A CZ   1 
ATOM 73  O OH   . TYR A 1 5  ? 0.163  10.375  8.136   1.00 0.64 ? 5  TYR A OH   1 
ATOM 74  H H    . TYR A 1 5  ? -0.872 6.502   3.590   1.00 0.28 ? 5  TYR A H    1 
ATOM 75  H HA   . TYR A 1 5  ? -1.012 4.878   5.284   1.00 0.25 ? 5  TYR A HA   1 
ATOM 76  H HB2  . TYR A 1 5  ? -3.692 6.130   5.997   1.00 0.35 ? 5  TYR A HB2  1 
ATOM 77  H HB3  . TYR A 1 5  ? -2.682 5.118   7.015   1.00 0.34 ? 5  TYR A HB3  1 
ATOM 78  H HD1  . TYR A 1 5  ? -0.361 5.916   7.562   1.00 0.40 ? 5  TYR A HD1  1 
ATOM 79  H HD2  . TYR A 1 5  ? -3.363 8.478   6.022   1.00 0.44 ? 5  TYR A HD2  1 
ATOM 80  H HE1  . TYR A 1 5  ? 0.890  7.861   8.385   1.00 0.57 ? 5  TYR A HE1  1 
ATOM 81  H HE2  . TYR A 1 5  ? -2.136 10.429  6.855   1.00 0.57 ? 5  TYR A HE2  1 
ATOM 82  H HH   . TYR A 1 5  ? -0.376 10.818  8.793   1.00 1.18 ? 5  TYR A HH   1 
ATOM 83  N N    . GLY A 1 6  ? -2.847 4.024   3.128   1.00 0.24 ? 6  GLY A N    1 
ATOM 84  C CA   . GLY A 1 6  ? -3.651 2.951   2.494   1.00 0.28 ? 6  GLY A CA   1 
ATOM 85  C C    . GLY A 1 6  ? -2.799 1.703   2.207   1.00 0.24 ? 6  GLY A C    1 
ATOM 86  O O    . GLY A 1 6  ? -1.601 1.792   2.026   1.00 0.25 ? 6  GLY A O    1 
ATOM 87  H H    . GLY A 1 6  ? -2.334 4.648   2.573   1.00 0.26 ? 6  GLY A H    1 
ATOM 88  H HA2  . GLY A 1 6  ? -4.438 2.698   3.169   1.00 0.31 ? 6  GLY A HA2  1 
ATOM 89  H HA3  . GLY A 1 6  ? -4.077 3.308   1.550   1.00 0.34 ? 6  GLY A HA3  1 
ATOM 90  N N    . GLN A 1 7  ? -3.447 0.568   2.173   1.00 0.26 ? 7  GLN A N    1 
ATOM 91  C CA   . GLN A 1 7  ? -2.708 -0.699  1.898   1.00 0.24 ? 7  GLN A CA   1 
ATOM 92  C C    . GLN A 1 7  ? -2.464 -0.875  0.404   1.00 0.25 ? 7  GLN A C    1 
ATOM 93  O O    . GLN A 1 7  ? -3.395 -1.094  -0.345  1.00 0.34 ? 7  GLN A O    1 
ATOM 94  C CB   . GLN A 1 7  ? -3.556 -1.875  2.365   1.00 0.25 ? 7  GLN A CB   1 
ATOM 95  C CG   . GLN A 1 7  ? -2.751 -3.160  2.163   1.00 0.28 ? 7  GLN A CG   1 
ATOM 96  C CD   . GLN A 1 7  ? -3.323 -4.273  3.026   1.00 0.29 ? 7  GLN A CD   1 
ATOM 97  O OE1  . GLN A 1 7  ? -4.410 -4.174  3.558   1.00 0.40 ? 7  GLN A OE1  1 
ATOM 98  N NE2  . GLN A 1 7  ? -2.618 -5.349  3.189   1.00 0.29 ? 7  GLN A NE2  1 
ATOM 99  H H    . GLN A 1 7  ? -4.412 0.549   2.332   1.00 0.32 ? 7  GLN A H    1 
ATOM 100 H HA   . GLN A 1 7  ? -1.763 -0.695  2.424   1.00 0.23 ? 7  GLN A HA   1 
ATOM 101 H HB2  . GLN A 1 7  ? -3.813 -1.755  3.397   1.00 0.29 ? 7  GLN A HB2  1 
ATOM 102 H HB3  . GLN A 1 7  ? -4.461 -1.920  1.780   1.00 0.28 ? 7  GLN A HB3  1 
ATOM 103 H HG2  . GLN A 1 7  ? -2.794 -3.457  1.126   1.00 0.38 ? 7  GLN A HG2  1 
ATOM 104 H HG3  . GLN A 1 7  ? -1.720 -2.997  2.441   1.00 0.39 ? 7  GLN A HG3  1 
ATOM 105 H HE21 . GLN A 1 7  ? -1.740 -5.423  2.759   1.00 0.33 ? 7  GLN A HE21 1 
ATOM 106 H HE22 . GLN A 1 7  ? -2.959 -6.083  3.737   1.00 0.35 ? 7  GLN A HE22 1 
ATOM 107 N N    . CYS A 1 8  ? -1.224 -0.784  -0.012  1.00 0.22 ? 8  CYS A N    1 
ATOM 108 C CA   . CYS A 1 8  ? -0.933 -0.973  -1.433  1.00 0.24 ? 8  CYS A CA   1 
ATOM 109 C C    . CYS A 1 8  ? -0.456 -2.393  -1.689  1.00 0.25 ? 8  CYS A C    1 
ATOM 110 O O    . CYS A 1 8  ? -0.555 -2.885  -2.795  1.00 0.33 ? 8  CYS A O    1 
ATOM 111 C CB   . CYS A 1 8  ? 0.169  -0.025  -1.837  1.00 0.26 ? 8  CYS A CB   1 
ATOM 112 S SG   . CYS A 1 8  ? 1.466  0.332   -0.630  1.00 0.28 ? 8  CYS A SG   1 
ATOM 113 H H    . CYS A 1 8  ? -0.500 -0.579  0.601   1.00 0.23 ? 8  CYS A H    1 
ATOM 114 H HA   . CYS A 1 8  ? -1.818 -0.776  -2.017  1.00 0.27 ? 8  CYS A HA   1 
ATOM 115 H HB2  . CYS A 1 8  ? 0.645  -0.443  -2.678  1.00 0.43 ? 8  CYS A HB2  1 
ATOM 116 H HB3  . CYS A 1 8  ? -0.276 0.904   -2.142  1.00 0.45 ? 8  CYS A HB3  1 
ATOM 117 N N    . GLY A 1 9  ? 0.059  -3.034  -0.665  1.00 0.22 ? 9  GLY A N    1 
ATOM 118 C CA   . GLY A 1 9  ? 0.550  -4.422  -0.877  1.00 0.25 ? 9  GLY A CA   1 
ATOM 119 C C    . GLY A 1 9  ? 0.430  -5.280  0.385   1.00 0.24 ? 9  GLY A C    1 
ATOM 120 O O    . GLY A 1 9  ? -0.278 -4.939  1.312   1.00 0.32 ? 9  GLY A O    1 
ATOM 121 H H    . GLY A 1 9  ? 0.123  -2.601  0.226   1.00 0.21 ? 9  GLY A H    1 
ATOM 122 H HA2  . GLY A 1 9  ? -0.042 -4.854  -1.652  1.00 0.28 ? 9  GLY A HA2  1 
ATOM 123 H HA3  . GLY A 1 9  ? 1.601  -4.403  -1.187  1.00 0.30 ? 9  GLY A HA3  1 
ATOM 124 N N    . GLY A 1 10 ? 1.135  -6.384  0.379   1.00 0.29 ? 10 GLY A N    1 
ATOM 125 C CA   . GLY A 1 10 ? 1.085  -7.304  1.540   1.00 0.31 ? 10 GLY A CA   1 
ATOM 126 C C    . GLY A 1 10 ? 0.338  -8.594  1.169   1.00 0.30 ? 10 GLY A C    1 
ATOM 127 O O    . GLY A 1 10 ? -0.714 -8.549  0.563   1.00 0.38 ? 10 GLY A O    1 
ATOM 128 H H    . GLY A 1 10 ? 1.696  -6.601  -0.394  1.00 0.37 ? 10 GLY A H    1 
ATOM 129 H HA2  . GLY A 1 10 ? 2.093  -7.537  1.807   1.00 0.35 ? 10 GLY A HA2  1 
ATOM 130 H HA3  . GLY A 1 10 ? 0.577  -6.829  2.386   1.00 0.36 ? 10 GLY A HA3  1 
ATOM 131 N N    . ILE A 1 11 ? 0.898  -9.713  1.536   1.00 0.28 ? 11 ILE A N    1 
ATOM 132 C CA   . ILE A 1 11 ? 0.228  -11.003 1.208   1.00 0.29 ? 11 ILE A CA   1 
ATOM 133 C C    . ILE A 1 11 ? -1.247 -10.941 1.611   1.00 0.33 ? 11 ILE A C    1 
ATOM 134 O O    . ILE A 1 11 ? -1.617 -10.255 2.542   1.00 0.37 ? 11 ILE A O    1 
ATOM 135 C CB   . ILE A 1 11 ? 0.950  -12.133 1.963   1.00 0.35 ? 11 ILE A CB   1 
ATOM 136 C CG1  . ILE A 1 11 ? 2.416  -12.127 1.536   1.00 0.42 ? 11 ILE A CG1  1 
ATOM 137 C CG2  . ILE A 1 11 ? 0.347  -13.517 1.624   1.00 0.46 ? 11 ILE A CG2  1 
ATOM 138 C CD1  . ILE A 1 11 ? 3.147  -13.239 2.273   1.00 0.44 ? 11 ILE A CD1  1 
ATOM 139 H H    . ILE A 1 11 ? 1.748  -9.705  2.024   1.00 0.32 ? 11 ILE A H    1 
ATOM 140 H HA   . ILE A 1 11 ? 0.298  -11.175 0.146   1.00 0.29 ? 11 ILE A HA   1 
ATOM 141 H HB   . ILE A 1 11 ? 0.882  -11.961 3.026   1.00 0.36 ? 11 ILE A HB   1 
ATOM 142 H HG12 . ILE A 1 11 ? 2.484  -12.294 0.470   1.00 0.52 ? 11 ILE A HG12 1 
ATOM 143 H HG13 . ILE A 1 11 ? 2.863  -11.175 1.776   1.00 0.47 ? 11 ILE A HG13 1 
ATOM 144 H HG21 . ILE A 1 11 ? -0.614 -13.411 1.175   1.00 1.15 ? 11 ILE A HG21 1 
ATOM 145 H HG22 . ILE A 1 11 ? 0.996  -14.036 0.936   1.00 1.12 ? 11 ILE A HG22 1 
ATOM 146 H HG23 . ILE A 1 11 ? 0.252  -14.100 2.527   1.00 1.01 ? 11 ILE A HG23 1 
ATOM 147 H HD11 . ILE A 1 11 ? 2.503  -13.653 3.033   1.00 1.14 ? 11 ILE A HD11 1 
ATOM 148 H HD12 . ILE A 1 11 ? 3.418  -14.016 1.577   1.00 1.05 ? 11 ILE A HD12 1 
ATOM 149 H HD13 . ILE A 1 11 ? 4.039  -12.844 2.738   1.00 1.05 ? 11 ILE A HD13 1 
ATOM 150 N N    . GLY A 1 12 ? -2.049 -11.663 0.894   1.00 0.37 ? 12 GLY A N    1 
ATOM 151 C CA   . GLY A 1 12 ? -3.502 -11.666 1.187   1.00 0.45 ? 12 GLY A CA   1 
ATOM 152 C C    . GLY A 1 12 ? -4.189 -10.425 0.598   1.00 0.40 ? 12 GLY A C    1 
ATOM 153 O O    . GLY A 1 12 ? -5.400 -10.323 0.602   1.00 0.52 ? 12 GLY A O    1 
ATOM 154 H H    . GLY A 1 12 ? -1.682 -12.230 0.180   1.00 0.38 ? 12 GLY A H    1 
ATOM 155 H HA2  . GLY A 1 12 ? -3.914 -12.547 0.746   1.00 0.53 ? 12 GLY A HA2  1 
ATOM 156 H HA3  . GLY A 1 12 ? -3.668 -11.683 2.269   1.00 0.52 ? 12 GLY A HA3  1 
ATOM 157 N N    . TYR A 1 13 ? -3.399 -9.509  0.106   1.00 0.28 ? 13 TYR A N    1 
ATOM 158 C CA   . TYR A 1 13 ? -3.988 -8.273  -0.485  1.00 0.27 ? 13 TYR A CA   1 
ATOM 159 C C    . TYR A 1 13 ? -4.271 -8.473  -1.974  1.00 0.33 ? 13 TYR A C    1 
ATOM 160 O O    . TYR A 1 13 ? -3.397 -8.861  -2.725  1.00 0.54 ? 13 TYR A O    1 
ATOM 161 C CB   . TYR A 1 13 ? -2.992 -7.125  -0.315  1.00 0.25 ? 13 TYR A CB   1 
ATOM 162 C CG   . TYR A 1 13 ? -3.627 -5.818  -0.799  1.00 0.25 ? 13 TYR A CG   1 
ATOM 163 C CD1  . TYR A 1 13 ? -4.686 -5.257  -0.114  1.00 0.36 ? 13 TYR A CD1  1 
ATOM 164 C CD2  . TYR A 1 13 ? -3.150 -5.180  -1.927  1.00 0.29 ? 13 TYR A CD2  1 
ATOM 165 C CE1  . TYR A 1 13 ? -5.255 -4.077  -0.548  1.00 0.41 ? 13 TYR A CE1  1 
ATOM 166 C CE2  . TYR A 1 13 ? -3.718 -4.007  -2.357  1.00 0.35 ? 13 TYR A CE2  1 
ATOM 167 C CZ   . TYR A 1 13 ? -4.774 -3.443  -1.673  1.00 0.39 ? 13 TYR A CZ   1 
ATOM 168 O OH   . TYR A 1 13 ? -5.337 -2.260  -2.105  1.00 0.48 ? 13 TYR A OH   1 
ATOM 169 H H    . TYR A 1 13 ? -2.427 -9.631  0.128   1.00 0.29 ? 13 TYR A H    1 
ATOM 170 H HA   . TYR A 1 13 ? -4.910 -8.036  0.026   1.00 0.33 ? 13 TYR A HA   1 
ATOM 171 H HB2  . TYR A 1 13 ? -2.723 -7.026  0.726   1.00 0.31 ? 13 TYR A HB2  1 
ATOM 172 H HB3  . TYR A 1 13 ? -2.103 -7.324  -0.896  1.00 0.27 ? 13 TYR A HB3  1 
ATOM 173 H HD1  . TYR A 1 13 ? -5.077 -5.747  0.763   1.00 0.44 ? 13 TYR A HD1  1 
ATOM 174 H HD2  . TYR A 1 13 ? -2.329 -5.605  -2.484  1.00 0.34 ? 13 TYR A HD2  1 
ATOM 175 H HE1  . TYR A 1 13 ? -6.083 -3.649  -0.003  1.00 0.52 ? 13 TYR A HE1  1 
ATOM 176 H HE2  . TYR A 1 13 ? -3.336 -3.529  -3.236  1.00 0.43 ? 13 TYR A HE2  1 
ATOM 177 H HH   . TYR A 1 13 ? -4.641 -1.726  -2.497  1.00 0.52 ? 13 TYR A HH   1 
ATOM 178 N N    . SER A 1 14 ? -5.493 -8.203  -2.367  1.00 0.37 ? 14 SER A N    1 
ATOM 179 C CA   . SER A 1 14 ? -5.867 -8.360  -3.806  1.00 0.44 ? 14 SER A CA   1 
ATOM 180 C C    . SER A 1 14 ? -6.409 -7.037  -4.352  1.00 0.45 ? 14 SER A C    1 
ATOM 181 O O    . SER A 1 14 ? -7.393 -7.015  -5.068  1.00 0.70 ? 14 SER A O    1 
ATOM 182 C CB   . SER A 1 14 ? -6.942 -9.442  -3.929  1.00 0.57 ? 14 SER A CB   1 
ATOM 183 O OG   . SER A 1 14 ? -8.038 -8.933  -3.184  1.00 0.69 ? 14 SER A OG   1 
ATOM 184 H H    . SER A 1 14 ? -6.160 -7.898  -1.717  1.00 0.52 ? 14 SER A H    1 
ATOM 185 H HA   . SER A 1 14 ? -4.997 -8.645  -4.375  1.00 0.44 ? 14 SER A HA   1 
ATOM 186 H HB2  . SER A 1 14 ? -7.227 -9.584  -4.962  1.00 0.65 ? 14 SER A HB2  1 
ATOM 187 H HB3  . SER A 1 14 ? -6.600 -10.373 -3.502  1.00 0.59 ? 14 SER A HB3  1 
ATOM 188 H HG   . SER A 1 14 ? -7.779 -8.085  -2.817  1.00 1.20 ? 14 SER A HG   1 
ATOM 189 N N    . GLY A 1 15 ? -5.746 -5.963  -3.993  1.00 0.33 ? 15 GLY A N    1 
ATOM 190 C CA   . GLY A 1 15 ? -6.177 -4.617  -4.459  1.00 0.35 ? 15 GLY A CA   1 
ATOM 191 C C    . GLY A 1 15 ? -5.037 -3.924  -5.227  1.00 0.29 ? 15 GLY A C    1 
ATOM 192 O O    . GLY A 1 15 ? -3.945 -4.447  -5.325  1.00 0.28 ? 15 GLY A O    1 
ATOM 193 H H    . GLY A 1 15 ? -4.961 -6.048  -3.412  1.00 0.48 ? 15 GLY A H    1 
ATOM 194 H HA2  . GLY A 1 15 ? -7.016 -4.746  -5.095  1.00 0.40 ? 15 GLY A HA2  1 
ATOM 195 H HA3  . GLY A 1 15 ? -6.448 -3.996  -3.599  1.00 0.36 ? 15 GLY A HA3  1 
ATOM 196 N N    . PRO A 1 16 ? -5.321 -2.753  -5.761  1.00 0.33 ? 16 PRO A N    1 
ATOM 197 C CA   . PRO A 1 16 ? -4.322 -1.994  -6.500  1.00 0.31 ? 16 PRO A CA   1 
ATOM 198 C C    . PRO A 1 16 ? -3.157 -1.644  -5.593  1.00 0.23 ? 16 PRO A C    1 
ATOM 199 O O    . PRO A 1 16 ? -3.310 -1.560  -4.394  1.00 0.24 ? 16 PRO A O    1 
ATOM 200 C CB   . PRO A 1 16 ? -5.025 -0.717  -6.958  1.00 0.38 ? 16 PRO A CB   1 
ATOM 201 C CG   . PRO A 1 16 ? -6.466 -0.766  -6.397  1.00 0.45 ? 16 PRO A CG   1 
ATOM 202 C CD   . PRO A 1 16 ? -6.636 -2.112  -5.661  1.00 0.43 ? 16 PRO A CD   1 
ATOM 203 H HA   . PRO A 1 16 ? -3.980 -2.567  -7.346  1.00 0.34 ? 16 PRO A HA   1 
ATOM 204 H HB2  . PRO A 1 16 ? -4.507 0.149   -6.574  1.00 0.38 ? 16 PRO A HB2  1 
ATOM 205 H HB3  . PRO A 1 16 ? -5.050 -0.675  -8.037  1.00 0.43 ? 16 PRO A HB3  1 
ATOM 206 H HG2  . PRO A 1 16 ? -6.611 0.049   -5.712  1.00 0.49 ? 16 PRO A HG2  1 
ATOM 207 H HG3  . PRO A 1 16 ? -7.171 -0.693  -7.203  1.00 0.50 ? 16 PRO A HG3  1 
ATOM 208 H HD2  . PRO A 1 16 ? -6.896 -1.950  -4.627  1.00 0.47 ? 16 PRO A HD2  1 
ATOM 209 H HD3  . PRO A 1 16 ? -7.386 -2.716  -6.149  1.00 0.50 ? 16 PRO A HD3  1 
ATOM 210 N N    . THR A 1 17 ? -2.038 -1.405  -6.189  1.00 0.23 ? 17 THR A N    1 
ATOM 211 C CA   . THR A 1 17 ? -0.817 -1.100  -5.381  1.00 0.22 ? 17 THR A CA   1 
ATOM 212 C C    . THR A 1 17 ? -0.263 0.288   -5.703  1.00 0.23 ? 17 THR A C    1 
ATOM 213 O O    . THR A 1 17 ? 0.859  0.600   -5.357  1.00 0.39 ? 17 THR A O    1 
ATOM 214 C CB   . THR A 1 17 ? 0.247  -2.157  -5.697  1.00 0.29 ? 17 THR A CB   1 
ATOM 215 O OG1  . THR A 1 17 ? 0.488  -2.022  -7.094  1.00 0.39 ? 17 THR A OG1  1 
ATOM 216 C CG2  . THR A 1 17 ? -0.303 -3.576  -5.514  1.00 0.34 ? 17 THR A CG2  1 
ATOM 217 H H    . THR A 1 17 ? -2.006 -1.396  -7.166  1.00 0.30 ? 17 THR A H    1 
ATOM 218 H HA   . THR A 1 17 ? -1.060 -1.143  -4.332  1.00 0.23 ? 17 THR A HA   1 
ATOM 219 H HB   . THR A 1 17 ? 1.146  -2.010  -5.128  1.00 0.37 ? 17 THR A HB   1 
ATOM 220 H HG1  . THR A 1 17 ? 0.907  -2.828  -7.403  1.00 0.89 ? 17 THR A HG1  1 
ATOM 221 H HG21 . THR A 1 17 ? -1.350 -3.531  -5.242  1.00 0.96 ? 17 THR A HG21 1 
ATOM 222 H HG22 . THR A 1 17 ? -0.199 -4.129  -6.436  1.00 1.02 ? 17 THR A HG22 1 
ATOM 223 H HG23 . THR A 1 17 ? 0.242  -4.082  -4.732  1.00 1.15 ? 17 THR A HG23 1 
ATOM 224 N N    . VAL A 1 18 ? -1.056 1.094   -6.353  1.00 0.23 ? 18 VAL A N    1 
ATOM 225 C CA   . VAL A 1 18 ? -0.577 2.466   -6.687  1.00 0.24 ? 18 VAL A CA   1 
ATOM 226 C C    . VAL A 1 18 ? -1.038 3.455   -5.614  1.00 0.21 ? 18 VAL A C    1 
ATOM 227 O O    . VAL A 1 18 ? -2.218 3.703   -5.461  1.00 0.27 ? 18 VAL A O    1 
ATOM 228 C CB   . VAL A 1 18 ? -1.151 2.880   -8.050  1.00 0.31 ? 18 VAL A CB   1 
ATOM 229 C CG1  . VAL A 1 18 ? -0.490 4.215   -8.498  1.00 0.39 ? 18 VAL A CG1  1 
ATOM 230 C CG2  . VAL A 1 18 ? -0.871 1.747   -9.063  1.00 0.39 ? 18 VAL A CG2  1 
ATOM 231 H H    . VAL A 1 18 ? -1.953 0.803   -6.619  1.00 0.35 ? 18 VAL A H    1 
ATOM 232 H HA   . VAL A 1 18 ? 0.501  2.459   -6.728  1.00 0.27 ? 18 VAL A HA   1 
ATOM 233 H HB   . VAL A 1 18 ? -2.216 3.023   -7.959  1.00 0.33 ? 18 VAL A HB   1 
ATOM 234 H HG11 . VAL A 1 18 ? 0.398  4.403   -7.915  1.00 1.05 ? 18 VAL A HG11 1 
ATOM 235 H HG12 . VAL A 1 18 ? -0.221 4.178   -9.540  1.00 1.08 ? 18 VAL A HG12 1 
ATOM 236 H HG13 . VAL A 1 18 ? -1.185 5.026   -8.347  1.00 1.10 ? 18 VAL A HG13 1 
ATOM 237 H HG21 . VAL A 1 18 ? 0.075  1.279   -8.835  1.00 0.95 ? 18 VAL A HG21 1 
ATOM 238 H HG22 . VAL A 1 18 ? -1.655 1.006   -8.997  1.00 1.07 ? 18 VAL A HG22 1 
ATOM 239 H HG23 . VAL A 1 18 ? -0.844 2.132   -10.070 1.00 1.06 ? 18 VAL A HG23 1 
ATOM 240 N N    . CYS A 1 19 ? -0.096 3.996   -4.890  1.00 0.20 ? 19 CYS A N    1 
ATOM 241 C CA   . CYS A 1 19 ? -0.464 4.965   -3.818  1.00 0.23 ? 19 CYS A CA   1 
ATOM 242 C C    . CYS A 1 19 ? -0.855 6.315   -4.415  1.00 0.25 ? 19 CYS A C    1 
ATOM 243 O O    . CYS A 1 19 ? -0.373 6.697   -5.464  1.00 0.33 ? 19 CYS A O    1 
ATOM 244 C CB   . CYS A 1 19 ? 0.709  5.155   -2.897  1.00 0.27 ? 19 CYS A CB   1 
ATOM 245 S SG   . CYS A 1 19 ? 1.403  3.686   -2.097  1.00 0.29 ? 19 CYS A SG   1 
ATOM 246 H H    . CYS A 1 19 ? 0.843  3.772   -5.053  1.00 0.24 ? 19 CYS A H    1 
ATOM 247 H HA   . CYS A 1 19 ? -1.267 4.585   -3.263  1.00 0.25 ? 19 CYS A HA   1 
ATOM 248 H HB2  . CYS A 1 19 ? 1.470  5.603   -3.461  1.00 0.39 ? 19 CYS A HB2  1 
ATOM 249 H HB3  . CYS A 1 19 ? 0.422  5.848   -2.121  1.00 0.39 ? 19 CYS A HB3  1 
ATOM 250 N N    . ALA A 1 20 ? -1.724 7.010   -3.735  1.00 0.28 ? 20 ALA A N    1 
ATOM 251 C CA   . ALA A 1 20 ? -2.151 8.340   -4.242  1.00 0.31 ? 20 ALA A CA   1 
ATOM 252 C C    . ALA A 1 20 ? -0.918 9.220   -4.492  1.00 0.28 ? 20 ALA A C    1 
ATOM 253 O O    . ALA A 1 20 ? 0.139  8.969   -3.954  1.00 0.36 ? 20 ALA A O    1 
ATOM 254 C CB   . ALA A 1 20 ? -3.058 9.001   -3.193  1.00 0.39 ? 20 ALA A CB   1 
ATOM 255 H H    . ALA A 1 20 ? -2.092 6.659   -2.898  1.00 0.35 ? 20 ALA A H    1 
ATOM 256 H HA   . ALA A 1 20 ? -2.693 8.213   -5.168  1.00 0.36 ? 20 ALA A HA   1 
ATOM 257 H HB1  . ALA A 1 20 ? -2.727 8.729   -2.200  1.00 1.05 ? 20 ALA A HB1  1 
ATOM 258 H HB2  . ALA A 1 20 ? -3.021 10.074  -3.301  1.00 1.05 ? 20 ALA A HB2  1 
ATOM 259 H HB3  . ALA A 1 20 ? -4.077 8.664   -3.327  1.00 1.13 ? 20 ALA A HB3  1 
ATOM 260 N N    . SER A 1 21 ? -1.072 10.224  -5.309  1.00 0.37 ? 21 SER A N    1 
ATOM 261 C CA   . SER A 1 21 ? 0.092  11.114  -5.596  1.00 0.38 ? 21 SER A CA   1 
ATOM 262 C C    . SER A 1 21 ? 0.653  11.706  -4.300  1.00 0.33 ? 21 SER A C    1 
ATOM 263 O O    . SER A 1 21 ? -0.072 11.933  -3.352  1.00 0.37 ? 21 SER A O    1 
ATOM 264 C CB   . SER A 1 21 ? -0.360 12.249  -6.506  1.00 0.50 ? 21 SER A CB   1 
ATOM 265 O OG   . SER A 1 21 ? -0.432 11.655  -7.793  1.00 1.36 ? 21 SER A OG   1 
ATOM 266 H H    . SER A 1 21 ? -1.940 10.390  -5.733  1.00 0.49 ? 21 SER A H    1 
ATOM 267 H HA   . SER A 1 21 ? 0.863  10.547  -6.088  1.00 0.41 ? 21 SER A HA   1 
ATOM 268 H HB2  . SER A 1 21 ? -1.329 12.615  -6.207  1.00 0.96 ? 21 SER A HB2  1 
ATOM 269 H HB3  . SER A 1 21 ? 0.364  13.046  -6.504  1.00 0.93 ? 21 SER A HB3  1 
ATOM 270 H HG   . SER A 1 21 ? -0.998 12.203  -8.341  1.00 1.76 ? 21 SER A HG   1 
ATOM 271 N N    . GLY A 1 22 ? 1.939  11.938  -4.286  1.00 0.36 ? 22 GLY A N    1 
ATOM 272 C CA   . GLY A 1 22 ? 2.564  12.520  -3.073  1.00 0.39 ? 22 GLY A CA   1 
ATOM 273 C C    . GLY A 1 22 ? 3.002  11.427  -2.090  1.00 0.35 ? 22 GLY A C    1 
ATOM 274 O O    . GLY A 1 22 ? 3.795  11.676  -1.203  1.00 0.44 ? 22 GLY A O    1 
ATOM 275 H H    . GLY A 1 22 ? 2.487  11.727  -5.069  1.00 0.42 ? 22 GLY A H    1 
ATOM 276 H HA2  . GLY A 1 22 ? 3.417  13.077  -3.390  1.00 0.45 ? 22 GLY A HA2  1 
ATOM 277 H HA3  . GLY A 1 22 ? 1.855  13.185  -2.567  1.00 0.42 ? 22 GLY A HA3  1 
ATOM 278 N N    . THR A 1 23 ? 2.472  10.242  -2.273  1.00 0.25 ? 23 THR A N    1 
ATOM 279 C CA   . THR A 1 23 ? 2.838  9.116   -1.358  1.00 0.22 ? 23 THR A CA   1 
ATOM 280 C C    . THR A 1 23 ? 3.529  7.992   -2.124  1.00 0.21 ? 23 THR A C    1 
ATOM 281 O O    . THR A 1 23 ? 3.633  8.021   -3.334  1.00 0.28 ? 23 THR A O    1 
ATOM 282 C CB   . THR A 1 23 ? 1.566  8.571   -0.703  1.00 0.24 ? 23 THR A CB   1 
ATOM 283 O OG1  . THR A 1 23 ? 0.534  8.805   -1.651  1.00 0.28 ? 23 THR A OG1  1 
ATOM 284 C CG2  . THR A 1 23 ? 1.184  9.389   0.520   1.00 0.29 ? 23 THR A CG2  1 
ATOM 285 H H    . THR A 1 23 ? 1.840  10.094  -3.005  1.00 0.26 ? 23 THR A H    1 
ATOM 286 H HA   . THR A 1 23 ? 3.506  9.474   -0.592  1.00 0.26 ? 23 THR A HA   1 
ATOM 287 H HB   . THR A 1 23 ? 1.650  7.526   -0.463  1.00 0.26 ? 23 THR A HB   1 
ATOM 288 H HG1  . THR A 1 23 ? -0.206 9.209   -1.191  1.00 0.93 ? 23 THR A HG1  1 
ATOM 289 H HG21 . THR A 1 23 ? 1.309  10.441  0.305   1.00 1.10 ? 23 THR A HG21 1 
ATOM 290 H HG22 . THR A 1 23 ? 0.155  9.198   0.780   1.00 0.97 ? 23 THR A HG22 1 
ATOM 291 H HG23 . THR A 1 23 ? 1.820  9.117   1.349   1.00 0.97 ? 23 THR A HG23 1 
ATOM 292 N N    . THR A 1 24 ? 3.977  7.026   -1.388  1.00 0.21 ? 24 THR A N    1 
ATOM 293 C CA   . THR A 1 24 ? 4.675  5.872   -2.010  1.00 0.22 ? 24 THR A CA   1 
ATOM 294 C C    . THR A 1 24 ? 4.331  4.605   -1.248  1.00 0.20 ? 24 THR A C    1 
ATOM 295 O O    . THR A 1 24 ? 3.854  4.671   -0.141  1.00 0.27 ? 24 THR A O    1 
ATOM 296 C CB   . THR A 1 24 ? 6.181  6.097   -1.938  1.00 0.29 ? 24 THR A CB   1 
ATOM 297 O OG1  . THR A 1 24 ? 6.359  7.053   -0.897  1.00 0.33 ? 24 THR A OG1  1 
ATOM 298 C CG2  . THR A 1 24 ? 6.705  6.763   -3.200  1.00 0.36 ? 24 THR A CG2  1 
ATOM 299 H H    . THR A 1 24 ? 3.844  7.052   -0.422  1.00 0.27 ? 24 THR A H    1 
ATOM 300 H HA   . THR A 1 24 ? 4.368  5.772   -3.035  1.00 0.24 ? 24 THR A HA   1 
ATOM 301 H HB   . THR A 1 24 ? 6.709  5.189   -1.730  1.00 0.32 ? 24 THR A HB   1 
ATOM 302 H HG1  . THR A 1 24 ? 7.157  7.552   -1.085  1.00 0.89 ? 24 THR A HG1  1 
ATOM 303 H HG21 . THR A 1 24 ? 6.002  7.509   -3.537  1.00 1.01 ? 24 THR A HG21 1 
ATOM 304 H HG22 . THR A 1 24 ? 7.656  7.234   -2.997  1.00 1.10 ? 24 THR A HG22 1 
ATOM 305 H HG23 . THR A 1 24 ? 6.833  6.020   -3.973  1.00 1.07 ? 24 THR A HG23 1 
ATOM 306 N N    . CYS A 1 25 ? 4.591  3.478   -1.840  1.00 0.22 ? 25 CYS A N    1 
ATOM 307 C CA   . CYS A 1 25 ? 4.262  2.210   -1.132  1.00 0.21 ? 25 CYS A CA   1 
ATOM 308 C C    . CYS A 1 25 ? 5.425  1.776   -0.245  1.00 0.23 ? 25 CYS A C    1 
ATOM 309 O O    . CYS A 1 25 ? 6.565  1.777   -0.666  1.00 0.37 ? 25 CYS A O    1 
ATOM 310 C CB   . CYS A 1 25 ? 3.964  1.117   -2.149  1.00 0.25 ? 25 CYS A CB   1 
ATOM 311 S SG   . CYS A 1 25 ? 3.143  -0.369  -1.522  1.00 0.29 ? 25 CYS A SG   1 
ATOM 312 H H    . CYS A 1 25 ? 5.005  3.465   -2.731  1.00 0.29 ? 25 CYS A H    1 
ATOM 313 H HA   . CYS A 1 25 ? 3.392  2.369   -0.514  1.00 0.21 ? 25 CYS A HA   1 
ATOM 314 H HB2  . CYS A 1 25 ? 3.340  1.537   -2.924  1.00 0.35 ? 25 CYS A HB2  1 
ATOM 315 H HB3  . CYS A 1 25 ? 4.894  0.813   -2.604  1.00 0.37 ? 25 CYS A HB3  1 
ATOM 316 N N    . GLN A 1 26 ? 5.103  1.412   0.969   1.00 0.27 ? 26 GLN A N    1 
ATOM 317 C CA   . GLN A 1 26 ? 6.160  0.976   1.920   1.00 0.28 ? 26 GLN A CA   1 
ATOM 318 C C    . GLN A 1 26 ? 5.770  -0.344  2.576   1.00 0.25 ? 26 GLN A C    1 
ATOM 319 O O    . GLN A 1 26 ? 4.803  -0.419  3.309   1.00 0.32 ? 26 GLN A O    1 
ATOM 320 C CB   . GLN A 1 26 ? 6.317  2.060   2.987   1.00 0.33 ? 26 GLN A CB   1 
ATOM 321 C CG   . GLN A 1 26 ? 6.594  3.384   2.277   1.00 0.41 ? 26 GLN A CG   1 
ATOM 322 C CD   . GLN A 1 26 ? 7.091  4.427   3.273   1.00 1.03 ? 26 GLN A CD   1 
ATOM 323 O OE1  . GLN A 1 26 ? 7.261  4.158   4.445   1.00 1.89 ? 26 GLN A OE1  1 
ATOM 324 N NE2  . GLN A 1 26 ? 7.336  5.635   2.841   1.00 1.29 ? 26 GLN A NE2  1 
ATOM 325 H H    . GLN A 1 26 ? 4.168  1.428   1.252   1.00 0.39 ? 26 GLN A H    1 
ATOM 326 H HA   . GLN A 1 26 ? 7.089  0.848   1.391   1.00 0.30 ? 26 GLN A HA   1 
ATOM 327 H HB2  . GLN A 1 26 ? 5.406  2.138   3.562   1.00 0.34 ? 26 GLN A HB2  1 
ATOM 328 H HB3  . GLN A 1 26 ? 7.138  1.813   3.645   1.00 0.37 ? 26 GLN A HB3  1 
ATOM 329 H HG2  . GLN A 1 26 ? 7.345  3.236   1.515   1.00 1.02 ? 26 GLN A HG2  1 
ATOM 330 H HG3  . GLN A 1 26 ? 5.688  3.742   1.816   1.00 1.11 ? 26 GLN A HG3  1 
ATOM 331 H HE21 . GLN A 1 26 ? 7.198  5.853   1.894   1.00 1.09 ? 26 GLN A HE21 1 
ATOM 332 H HE22 . GLN A 1 26 ? 7.654  6.322   3.460   1.00 1.99 ? 26 GLN A HE22 1 
ATOM 333 N N    . VAL A 1 27 ? 6.529  -1.363  2.291   1.00 0.28 ? 27 VAL A N    1 
ATOM 334 C CA   . VAL A 1 27 ? 6.220  -2.686  2.883   1.00 0.27 ? 27 VAL A CA   1 
ATOM 335 C C    . VAL A 1 27 ? 6.302  -2.606  4.398   1.00 0.29 ? 27 VAL A C    1 
ATOM 336 O O    . VAL A 1 27 ? 7.330  -2.251  4.943   1.00 0.46 ? 27 VAL A O    1 
ATOM 337 C CB   . VAL A 1 27 ? 7.250  -3.708  2.376   1.00 0.37 ? 27 VAL A CB   1 
ATOM 338 C CG1  . VAL A 1 27 ? 6.858  -5.127  2.832   1.00 0.47 ? 27 VAL A CG1  1 
ATOM 339 C CG2  . VAL A 1 27 ? 7.282  -3.667  0.846   1.00 0.47 ? 27 VAL A CG2  1 
ATOM 340 H H    . VAL A 1 27 ? 7.299  -1.254  1.695   1.00 0.37 ? 27 VAL A H    1 
ATOM 341 H HA   . VAL A 1 27 ? 5.229  -2.987  2.594   1.00 0.29 ? 27 VAL A HA   1 
ATOM 342 H HB   . VAL A 1 27 ? 8.228  -3.461  2.764   1.00 0.42 ? 27 VAL A HB   1 
ATOM 343 H HG11 . VAL A 1 27 ? 6.414  -5.094  3.818   1.00 1.04 ? 27 VAL A HG11 1 
ATOM 344 H HG12 . VAL A 1 27 ? 6.145  -5.547  2.139   1.00 1.15 ? 27 VAL A HG12 1 
ATOM 345 H HG13 . VAL A 1 27 ? 7.737  -5.754  2.861   1.00 1.13 ? 27 VAL A HG13 1 
ATOM 346 H HG21 . VAL A 1 27 ? 6.322  -3.347  0.470   1.00 1.17 ? 27 VAL A HG21 1 
ATOM 347 H HG22 . VAL A 1 27 ? 8.041  -2.974  0.515   1.00 1.18 ? 27 VAL A HG22 1 
ATOM 348 H HG23 . VAL A 1 27 ? 7.507  -4.650  0.458   1.00 0.97 ? 27 VAL A HG23 1 
ATOM 349 N N    . LEU A 1 28 ? 5.226  -2.941  5.059   1.00 0.26 ? 28 LEU A N    1 
ATOM 350 C CA   . LEU A 1 28 ? 5.272  -2.900  6.533   1.00 0.34 ? 28 LEU A CA   1 
ATOM 351 C C    . LEU A 1 28 ? 5.823  -4.265  6.989   1.00 0.35 ? 28 LEU A C    1 
ATOM 352 O O    . LEU A 1 28 ? 6.881  -4.353  7.580   1.00 0.42 ? 28 LEU A O    1 
ATOM 353 C CB   . LEU A 1 28 ? 3.839  -2.689  7.107   1.00 0.42 ? 28 LEU A CB   1 
ATOM 354 C CG   . LEU A 1 28 ? 3.845  -2.286  8.669   1.00 0.59 ? 28 LEU A CG   1 
ATOM 355 C CD1  . LEU A 1 28 ? 5.213  -1.792  9.154   1.00 0.91 ? 28 LEU A CD1  1 
ATOM 356 C CD2  . LEU A 1 28 ? 2.860  -1.142  8.968   1.00 1.36 ? 28 LEU A CD2  1 
ATOM 357 H H    . LEU A 1 28 ? 4.427  -3.237  4.594   1.00 0.36 ? 28 LEU A H    1 
ATOM 358 H HA   . LEU A 1 28 ? 5.938  -2.110  6.818   1.00 0.38 ? 28 LEU A HA   1 
ATOM 359 H HB2  . LEU A 1 28 ? 3.304  -1.953  6.532   1.00 0.44 ? 28 LEU A HB2  1 
ATOM 360 H HB3  . LEU A 1 28 ? 3.325  -3.611  6.992   1.00 0.43 ? 28 LEU A HB3  1 
ATOM 361 H HG   . LEU A 1 28 ? 3.549  -3.141  9.247   1.00 1.40 ? 28 LEU A HG   1 
ATOM 362 H HD11 . LEU A 1 28 ? 5.977  -2.512  8.942   1.00 1.39 ? 28 LEU A HD11 1 
ATOM 363 H HD12 . LEU A 1 28 ? 5.442  -0.849  8.661   1.00 1.54 ? 28 LEU A HD12 1 
ATOM 364 H HD13 . LEU A 1 28 ? 5.184  -1.634  10.221  1.00 1.57 ? 28 LEU A HD13 1 
ATOM 365 H HD21 . LEU A 1 28 ? 2.688  -0.550  8.090   1.00 1.75 ? 28 LEU A HD21 1 
ATOM 366 H HD22 . LEU A 1 28 ? 1.933  -1.549  9.331   1.00 1.85 ? 28 LEU A HD22 1 
ATOM 367 H HD23 . LEU A 1 28 ? 3.270  -0.503  9.731   1.00 1.98 ? 28 LEU A HD23 1 
ATOM 368 N N    . ASN A 1 29 ? 5.063  -5.306  6.691   1.00 0.31 ? 29 ASN A N    1 
ATOM 369 C CA   . ASN A 1 29 ? 5.527  -6.709  7.008   1.00 0.34 ? 29 ASN A CA   1 
ATOM 370 C C    . ASN A 1 29 ? 5.141  -7.630  5.826   1.00 0.28 ? 29 ASN A C    1 
ATOM 371 O O    . ASN A 1 29 ? 4.505  -7.183  4.892   1.00 0.24 ? 29 ASN A O    1 
ATOM 372 C CB   . ASN A 1 29 ? 4.879  -7.270  8.286   1.00 0.40 ? 29 ASN A CB   1 
ATOM 373 C CG   . ASN A 1 29 ? 4.101  -6.216  9.089   1.00 0.98 ? 29 ASN A CG   1 
ATOM 374 O OD1  . ASN A 1 29 ? 4.166  -6.197  10.302  1.00 2.06 ? 29 ASN A OD1  1 
ATOM 375 N ND2  . ASN A 1 29 ? 3.341  -5.341  8.488   1.00 0.72 ? 29 ASN A ND2  1 
ATOM 376 H H    . ASN A 1 29 ? 4.197  -5.163  6.252   1.00 0.31 ? 29 ASN A H    1 
ATOM 377 H HA   . ASN A 1 29 ? 6.602  -6.702  7.117   1.00 0.39 ? 29 ASN A HA   1 
ATOM 378 H HB2  . ASN A 1 29 ? 4.198  -8.060  8.017   1.00 0.86 ? 29 ASN A HB2  1 
ATOM 379 H HB3  . ASN A 1 29 ? 5.658  -7.681  8.916   1.00 0.95 ? 29 ASN A HB3  1 
ATOM 380 H HD21 . ASN A 1 29 ? 3.255  -5.326  7.512   1.00 0.60 ? 29 ASN A HD21 1 
ATOM 381 H HD22 . ASN A 1 29 ? 2.836  -4.700  9.023   1.00 1.30 ? 29 ASN A HD22 1 
ATOM 382 N N    . PRO A 1 30 ? 5.525  -8.913  5.877   1.00 0.31 ? 30 PRO A N    1 
ATOM 383 C CA   . PRO A 1 30 ? 5.183  -9.845  4.788   1.00 0.31 ? 30 PRO A CA   1 
ATOM 384 C C    . PRO A 1 30 ? 3.673  -10.130 4.743   1.00 0.26 ? 30 PRO A C    1 
ATOM 385 O O    . PRO A 1 30 ? 3.248  -11.161 4.260   1.00 0.30 ? 30 PRO A O    1 
ATOM 386 C CB   . PRO A 1 30 ? 5.945  -11.143 5.121   1.00 0.39 ? 30 PRO A CB   1 
ATOM 387 C CG   . PRO A 1 30 ? 6.827  -10.850 6.373   1.00 0.43 ? 30 PRO A CG   1 
ATOM 388 C CD   . PRO A 1 30 ? 6.348  -9.507  6.956   1.00 0.38 ? 30 PRO A CD   1 
ATOM 389 H HA   . PRO A 1 30 ? 5.514  -9.443  3.844   1.00 0.33 ? 30 PRO A HA   1 
ATOM 390 H HB2  . PRO A 1 30 ? 5.243  -11.933 5.343   1.00 0.40 ? 30 PRO A HB2  1 
ATOM 391 H HB3  . PRO A 1 30 ? 6.564  -11.434 4.284   1.00 0.43 ? 30 PRO A HB3  1 
ATOM 392 H HG2  . PRO A 1 30 ? 6.706  -11.637 7.103   1.00 0.47 ? 30 PRO A HG2  1 
ATOM 393 H HG3  . PRO A 1 30 ? 7.866  -10.780 6.084   1.00 0.48 ? 30 PRO A HG3  1 
ATOM 394 H HD2  . PRO A 1 30 ? 5.750  -9.691  7.828   1.00 0.38 ? 30 PRO A HD2  1 
ATOM 395 H HD3  . PRO A 1 30 ? 7.180  -8.873  7.199   1.00 0.43 ? 30 PRO A HD3  1 
ATOM 396 N N    . TYR A 1 31 ? 2.900  -9.209  5.249   1.00 0.21 ? 31 TYR A N    1 
ATOM 397 C CA   . TYR A 1 31 ? 1.428  -9.390  5.235   1.00 0.21 ? 31 TYR A CA   1 
ATOM 398 C C    . TYR A 1 31 ? 0.738  -8.028  5.211   1.00 0.20 ? 31 TYR A C    1 
ATOM 399 O O    . TYR A 1 31 ? -0.457 -7.934  5.411   1.00 0.27 ? 31 TYR A O    1 
ATOM 400 C CB   . TYR A 1 31 ? 1.020  -10.103 6.516   1.00 0.25 ? 31 TYR A CB   1 
ATOM 401 C CG   . TYR A 1 31 ? 1.554  -11.534 6.513   1.00 0.31 ? 31 TYR A CG   1 
ATOM 402 C CD1  . TYR A 1 31 ? 0.837  -12.551 5.917   1.00 0.44 ? 31 TYR A CD1  1 
ATOM 403 C CD2  . TYR A 1 31 ? 2.762  -11.828 7.110   1.00 0.41 ? 31 TYR A CD2  1 
ATOM 404 C CE1  . TYR A 1 31 ? 1.321  -13.844 5.920   1.00 0.56 ? 31 TYR A CE1  1 
ATOM 405 C CE2  . TYR A 1 31 ? 3.246  -13.118 7.114   1.00 0.53 ? 31 TYR A CE2  1 
ATOM 406 C CZ   . TYR A 1 31 ? 2.529  -14.137 6.519   1.00 0.58 ? 31 TYR A CZ   1 
ATOM 407 O OH   . TYR A 1 31 ? 3.010  -15.430 6.530   1.00 0.72 ? 31 TYR A OH   1 
ATOM 408 H H    . TYR A 1 31 ? 3.284  -8.421  5.667   1.00 0.21 ? 31 TYR A H    1 
ATOM 409 H HA   . TYR A 1 31 ? 1.137  -9.968  4.372   1.00 0.23 ? 31 TYR A HA   1 
ATOM 410 H HB2  . TYR A 1 31 ? 1.434  -9.573  7.361   1.00 0.28 ? 31 TYR A HB2  1 
ATOM 411 H HB3  . TYR A 1 31 ? -0.057 -10.122 6.598   1.00 0.32 ? 31 TYR A HB3  1 
ATOM 412 H HD1  . TYR A 1 31 ? -0.111 -12.334 5.445   1.00 0.51 ? 31 TYR A HD1  1 
ATOM 413 H HD2  . TYR A 1 31 ? 3.332  -11.039 7.579   1.00 0.46 ? 31 TYR A HD2  1 
ATOM 414 H HE1  . TYR A 1 31 ? 0.751  -14.630 5.450   1.00 0.68 ? 31 TYR A HE1  1 
ATOM 415 H HE2  . TYR A 1 31 ? 4.192  -13.333 7.586   1.00 0.65 ? 31 TYR A HE2  1 
ATOM 416 H HH   . TYR A 1 31 ? 3.456  -15.588 5.696   1.00 1.21 ? 31 TYR A HH   1 
ATOM 417 N N    . TYR A 1 32 ? 1.502  -6.998  4.966   1.00 0.17 ? 32 TYR A N    1 
ATOM 418 C CA   . TYR A 1 32 ? 0.898  -5.644  4.958   1.00 0.18 ? 32 TYR A CA   1 
ATOM 419 C C    . TYR A 1 32 ? 1.876  -4.604  4.428   1.00 0.15 ? 32 TYR A C    1 
ATOM 420 O O    . TYR A 1 32 ? 3.014  -4.550  4.852   1.00 0.21 ? 32 TYR A O    1 
ATOM 421 C CB   . TYR A 1 32 ? 0.566  -5.264  6.405   1.00 0.23 ? 32 TYR A CB   1 
ATOM 422 C CG   . TYR A 1 32 ? -0.055 -3.869  6.444   1.00 0.25 ? 32 TYR A CG   1 
ATOM 423 C CD1  . TYR A 1 32 ? -1.212 -3.567  5.750   1.00 0.41 ? 32 TYR A CD1  1 
ATOM 424 C CD2  . TYR A 1 32 ? 0.537  -2.894  7.180   1.00 0.35 ? 32 TYR A CD2  1 
ATOM 425 C CE1  . TYR A 1 32 ? -1.738 -2.293  5.808   1.00 0.51 ? 32 TYR A CE1  1 
ATOM 426 C CE2  . TYR A 1 32 ? 0.025  -1.644  7.224   1.00 0.39 ? 32 TYR A CE2  1 
ATOM 427 C CZ   . TYR A 1 32 ? -1.118 -1.322  6.545   1.00 0.42 ? 32 TYR A CZ   1 
ATOM 428 O OH   . TYR A 1 32 ? -1.641 -0.046  6.612   1.00 0.53 ? 32 TYR A OH   1 
ATOM 429 H H    . TYR A 1 32 ? 2.456  -7.117  4.782   1.00 0.17 ? 32 TYR A H    1 
ATOM 430 H HA   . TYR A 1 32 ? 0.004  -5.645  4.354   1.00 0.20 ? 32 TYR A HA   1 
ATOM 431 H HB2  . TYR A 1 32 ? -0.104 -5.952  6.830   1.00 0.30 ? 32 TYR A HB2  1 
ATOM 432 H HB3  . TYR A 1 32 ? 1.472  -5.264  6.985   1.00 0.28 ? 32 TYR A HB3  1 
ATOM 433 H HD1  . TYR A 1 32 ? -1.707 -4.325  5.167   1.00 0.54 ? 32 TYR A HD1  1 
ATOM 434 H HD2  . TYR A 1 32 ? 1.374  -3.130  7.787   1.00 0.49 ? 32 TYR A HD2  1 
ATOM 435 H HE1  . TYR A 1 32 ? -2.642 -2.063  5.289   1.00 0.70 ? 32 TYR A HE1  1 
ATOM 436 H HE2  . TYR A 1 32 ? 0.547  -0.903  7.747   1.00 0.54 ? 32 TYR A HE2  1 
ATOM 437 H HH   . TYR A 1 32 ? -2.054 0.061   7.473   1.00 0.93 ? 32 TYR A HH   1 
ATOM 438 N N    . SER A 1 33 ? 1.417  -3.804  3.506   1.00 0.17 ? 33 SER A N    1 
ATOM 439 C CA   . SER A 1 33 ? 2.280  -2.722  2.976   1.00 0.18 ? 33 SER A CA   1 
ATOM 440 C C    . SER A 1 33 ? 1.494  -1.441  2.935   1.00 0.18 ? 33 SER A C    1 
ATOM 441 O O    . SER A 1 33 ? 0.538  -1.312  2.175   1.00 0.19 ? 33 SER A O    1 
ATOM 442 C CB   . SER A 1 33 ? 2.755  -3.047  1.596   1.00 0.19 ? 33 SER A CB   1 
ATOM 443 O OG   . SER A 1 33 ? 3.474  -4.263  1.745   1.00 0.23 ? 33 SER A OG   1 
ATOM 444 H H    . SER A 1 33 ? 0.510  -3.920  3.158   1.00 0.23 ? 33 SER A H    1 
ATOM 445 H HA   . SER A 1 33 ? 3.119  -2.587  3.622   1.00 0.18 ? 33 SER A HA   1 
ATOM 446 H HB2  . SER A 1 33 ? 1.921  -3.179  0.931   1.00 0.22 ? 33 SER A HB2  1 
ATOM 447 H HB3  . SER A 1 33 ? 3.404  -2.258  1.250   1.00 0.20 ? 33 SER A HB3  1 
ATOM 448 H HG   . SER A 1 33 ? 3.257  -4.831  1.004   1.00 0.92 ? 33 SER A HG   1 
ATOM 449 N N    . GLN A 1 34 ? 1.935  -0.510  3.727   1.00 0.19 ? 34 GLN A N    1 
ATOM 450 C CA   . GLN A 1 34 ? 1.201  0.790   3.828   1.00 0.20 ? 34 GLN A CA   1 
ATOM 451 C C    . GLN A 1 34 ? 1.759  1.859   2.872   1.00 0.19 ? 34 GLN A C    1 
ATOM 452 O O    . GLN A 1 34 ? 2.901  1.803   2.468   1.00 0.26 ? 34 GLN A O    1 
ATOM 453 C CB   . GLN A 1 34 ? 1.343  1.273   5.272   1.00 0.26 ? 34 GLN A CB   1 
ATOM 454 C CG   . GLN A 1 34 ? 0.398  2.442   5.538   1.00 0.34 ? 34 GLN A CG   1 
ATOM 455 C CD   . GLN A 1 34 ? -0.037 2.395   7.002   1.00 0.72 ? 34 GLN A CD   1 
ATOM 456 O OE1  . GLN A 1 34 ? 0.702  1.973   7.868   1.00 1.80 ? 34 GLN A OE1  1 
ATOM 457 N NE2  . GLN A 1 34 ? -1.228 2.804   7.318   1.00 0.47 ? 34 GLN A NE2  1 
ATOM 458 H H    . GLN A 1 34 ? 2.769  -0.667  4.259   1.00 0.20 ? 34 GLN A H    1 
ATOM 459 H HA   . GLN A 1 34 ? 0.160  0.619   3.598   1.00 0.23 ? 34 GLN A HA   1 
ATOM 460 H HB2  . GLN A 1 34 ? 1.106  0.463   5.943   1.00 0.28 ? 34 GLN A HB2  1 
ATOM 461 H HB3  . GLN A 1 34 ? 2.361  1.586   5.449   1.00 0.32 ? 34 GLN A HB3  1 
ATOM 462 H HG2  . GLN A 1 34 ? 0.905  3.374   5.346   1.00 0.72 ? 34 GLN A HG2  1 
ATOM 463 H HG3  . GLN A 1 34 ? -0.474 2.375   4.907   1.00 0.75 ? 34 GLN A HG3  1 
ATOM 464 H HE21 . GLN A 1 34 ? -1.829 3.130   6.623   1.00 0.89 ? 34 GLN A HE21 1 
ATOM 465 H HE22 . GLN A 1 34 ? -1.521 2.789   8.253   1.00 0.78 ? 34 GLN A HE22 1 
ATOM 466 N N    . CYS A 1 35 ? 0.919  2.824   2.542   1.00 0.21 ? 35 CYS A N    1 
ATOM 467 C CA   . CYS A 1 35 ? 1.361  3.923   1.618   1.00 0.23 ? 35 CYS A CA   1 
ATOM 468 C C    . CYS A 1 35 ? 1.669  5.194   2.408   1.00 0.20 ? 35 CYS A C    1 
ATOM 469 O O    . CYS A 1 35 ? 0.774  5.800   2.953   1.00 0.27 ? 35 CYS A O    1 
ATOM 470 C CB   . CYS A 1 35 ? 0.230  4.240   0.638   1.00 0.31 ? 35 CYS A CB   1 
ATOM 471 S SG   . CYS A 1 35 ? -0.007 3.128   -0.761  1.00 0.35 ? 35 CYS A SG   1 
ATOM 472 H H    . CYS A 1 35 ? 0.006  2.823   2.900   1.00 0.26 ? 35 CYS A H    1 
ATOM 473 H HA   . CYS A 1 35 ? 2.234  3.609   1.083   1.00 0.28 ? 35 CYS A HA   1 
ATOM 474 H HB2  . CYS A 1 35 ? -0.696 4.267   1.192   1.00 0.37 ? 35 CYS A HB2  1 
ATOM 475 H HB3  . CYS A 1 35 ? 0.400  5.230   0.240   1.00 0.40 ? 35 CYS A HB3  1 
ATOM 476 N N    . LEU A 1 36 ? 2.922  5.595   2.418   1.00 0.23 ? 36 LEU A N    1 
ATOM 477 C CA   . LEU A 1 36 ? 3.301  6.823   3.192   1.00 0.29 ? 36 LEU A CA   1 
ATOM 478 C C    . LEU A 1 36 ? 4.168  7.754   2.341   1.00 0.43 ? 36 LEU A C    1 
ATOM 479 O O    . LEU A 1 36 ? 4.358  7.413   1.193   1.00 1.11 ? 36 LEU A O    1 
ATOM 480 C CB   . LEU A 1 36 ? 4.109  6.408   4.427   1.00 0.36 ? 36 LEU A CB   1 
ATOM 481 C CG   . LEU A 1 36 ? 3.376  5.295   5.198   1.00 0.38 ? 36 LEU A CG   1 
ATOM 482 C CD1  . LEU A 1 36 ? 4.334  4.731   6.260   1.00 1.11 ? 36 LEU A CD1  1 
ATOM 483 C CD2  . LEU A 1 36 ? 2.119  5.877   5.879   1.00 1.21 ? 36 LEU A CD2  1 
ATOM 484 O OXT  . LEU A 1 36 ? 4.595  8.752   2.897   1.00 1.19 ? 36 LEU A OXT  1 
ATOM 485 H H    . LEU A 1 36 ? 3.601  5.106   1.911   1.00 0.29 ? 36 LEU A H    1 
ATOM 486 H HA   . LEU A 1 36 ? 2.412  7.351   3.497   1.00 0.30 ? 36 LEU A HA   1 
ATOM 487 H HB2  . LEU A 1 36 ? 5.078  6.049   4.112   1.00 0.43 ? 36 LEU A HB2  1 
ATOM 488 H HB3  . LEU A 1 36 ? 4.246  7.264   5.071   1.00 0.42 ? 36 LEU A HB3  1 
ATOM 489 H HG   . LEU A 1 36 ? 3.089  4.506   4.520   1.00 1.12 ? 36 LEU A HG   1 
ATOM 490 H HD11 . LEU A 1 36 ? 5.209  5.359   6.329   1.00 1.71 ? 36 LEU A HD11 1 
ATOM 491 H HD12 . LEU A 1 36 ? 3.849  4.694   7.221   1.00 1.73 ? 36 LEU A HD12 1 
ATOM 492 H HD13 . LEU A 1 36 ? 4.638  3.732   5.977   1.00 1.65 ? 36 LEU A HD13 1 
ATOM 493 H HD21 . LEU A 1 36 ? 2.369  6.795   6.386   1.00 1.81 ? 36 LEU A HD21 1 
ATOM 494 H HD22 . LEU A 1 36 ? 1.367  6.080   5.141   1.00 1.76 ? 36 LEU A HD22 1 
ATOM 495 H HD23 . LEU A 1 36 ? 1.720  5.173   6.593   1.00 1.79 ? 36 LEU A HD23 1 
# 
